data_6WLP
#
_entry.id   6WLP
#
_cell.length_a   265.069
_cell.length_b   265.069
_cell.length_c   265.069
_cell.angle_alpha   90.000
_cell.angle_beta   90.000
_cell.angle_gamma   90.000
#
_symmetry.space_group_name_H-M   'I 21 3'
#
loop_
_entity.id
_entity.type
_entity.pdbx_description
1 polymer 'Adagio protein 1'
2 non-polymer 'FLAVIN MONONUCLEOTIDE'
3 non-polymer 1,2-ETHANEDIOL
4 water water
#
_entity_poly.entity_id   1
_entity_poly.type   'polypeptide(L)'
_entity_poly.pdbx_seq_one_letter_code
;MEWDSGSDLSADDASSLADDEEGGLFPGGGPIPYPVGNLLHTAPCSFVVTDAVEPDQPIIYVNTVFEMVTGYRAEEVLGR
NCRFLQCRGPFAKRRHPLVDSMVVSEIRKCIDEGIEFQGELLNFRKDGSPLMNRLRLTPIYGDDDTITHIIGIQFFIETD
IDLGPVLGSSTKEKSIDGIYSALAAGERNV
;
_entity_poly.pdbx_strand_id   B,A,C,D,E,F,G
#
loop_
_chem_comp.id
_chem_comp.type
_chem_comp.name
_chem_comp.formula
EDO non-polymer 1,2-ETHANEDIOL 'C2 H6 O2'
FMN non-polymer 'FLAVIN MONONUCLEOTIDE' 'C17 H21 N4 O9 P'
#
# COMPACT_ATOMS: atom_id res chain seq x y z
N PRO A 35 -7.05 -2.47 -18.48
CA PRO A 35 -5.99 -2.02 -19.40
C PRO A 35 -6.27 -0.63 -19.98
N VAL A 36 -5.22 0.05 -20.50
CA VAL A 36 -5.27 1.47 -20.77
C VAL A 36 -4.99 1.77 -22.25
N GLY A 37 -5.90 2.50 -22.88
CA GLY A 37 -5.71 2.90 -24.25
C GLY A 37 -6.69 4.00 -24.66
N ASN A 38 -6.80 4.23 -25.94
CA ASN A 38 -7.68 5.29 -26.41
C ASN A 38 -7.29 6.62 -25.78
N LEU A 39 -6.03 6.75 -25.39
CA LEU A 39 -5.49 8.01 -24.89
C LEU A 39 -5.42 9.06 -25.98
N LEU A 40 -5.35 10.32 -25.55
CA LEU A 40 -5.14 11.38 -26.51
C LEU A 40 -3.70 11.86 -26.45
N HIS A 41 -3.22 12.29 -27.61
CA HIS A 41 -1.81 12.48 -27.86
C HIS A 41 -1.30 13.85 -27.45
N THR A 42 -2.18 14.80 -27.23
CA THR A 42 -1.80 16.15 -26.88
C THR A 42 -2.44 16.51 -25.56
N ALA A 43 -2.19 17.71 -25.10
CA ALA A 43 -2.91 18.11 -23.92
C ALA A 43 -4.30 18.54 -24.34
N PRO A 44 -5.27 18.36 -23.47
CA PRO A 44 -6.65 18.67 -23.82
C PRO A 44 -6.88 20.16 -23.62
N CYS A 45 -6.85 20.89 -24.73
CA CYS A 45 -7.11 22.32 -24.77
C CYS A 45 -8.35 22.47 -25.61
N SER A 46 -9.33 23.18 -25.09
CA SER A 46 -10.61 23.35 -25.76
C SER A 46 -10.64 24.73 -26.40
N PHE A 47 -10.92 24.81 -27.69
CA PHE A 47 -11.10 26.16 -28.19
C PHE A 47 -11.98 26.26 -29.43
N VAL A 48 -12.49 27.47 -29.63
CA VAL A 48 -13.39 27.82 -30.72
C VAL A 48 -12.89 29.11 -31.32
N VAL A 49 -13.36 29.34 -32.53
CA VAL A 49 -13.12 30.58 -33.27
C VAL A 49 -14.47 31.06 -33.79
N THR A 50 -14.72 32.37 -33.64
CA THR A 50 -15.95 33.01 -34.11
C THR A 50 -15.61 34.05 -35.16
N ASP A 51 -16.56 34.26 -36.09
CA ASP A 51 -16.54 35.37 -37.05
C ASP A 51 -16.92 36.69 -36.35
N ALA A 52 -15.93 37.58 -36.15
CA ALA A 52 -16.24 38.86 -35.52
C ALA A 52 -16.83 39.88 -36.50
N VAL A 53 -16.85 39.57 -37.78
CA VAL A 53 -17.46 40.44 -38.75
C VAL A 53 -18.95 40.18 -38.87
N GLU A 54 -19.33 38.93 -39.13
CA GLU A 54 -20.74 38.59 -39.19
C GLU A 54 -21.42 38.84 -37.83
N PRO A 55 -22.73 38.99 -37.86
CA PRO A 55 -23.46 39.43 -36.66
C PRO A 55 -23.47 38.34 -35.60
N ASP A 56 -23.19 38.73 -34.37
CA ASP A 56 -23.36 37.87 -33.19
C ASP A 56 -22.39 36.70 -33.18
N GLN A 57 -21.14 36.92 -33.54
CA GLN A 57 -20.04 36.01 -33.24
C GLN A 57 -20.38 34.54 -33.51
N PRO A 58 -20.79 34.18 -34.71
CA PRO A 58 -21.03 32.76 -35.01
C PRO A 58 -19.75 31.95 -34.88
N ILE A 59 -19.91 30.66 -34.52
CA ILE A 59 -18.79 29.73 -34.44
C ILE A 59 -18.43 29.30 -35.84
N ILE A 60 -17.14 29.38 -36.17
CA ILE A 60 -16.63 28.88 -37.45
C ILE A 60 -15.68 27.70 -37.31
N TYR A 61 -15.10 27.49 -36.13
CA TYR A 61 -14.27 26.34 -35.83
C TYR A 61 -14.44 25.92 -34.38
N VAL A 62 -14.61 24.61 -34.14
CA VAL A 62 -14.38 24.00 -32.84
C VAL A 62 -13.35 22.89 -33.02
N ASN A 63 -12.48 22.74 -32.04
CA ASN A 63 -11.58 21.61 -32.03
C ASN A 63 -12.28 20.41 -31.40
N THR A 64 -11.66 19.22 -31.49
CA THR A 64 -12.40 18.06 -31.03
C THR A 64 -12.39 17.97 -29.51
N VAL A 65 -11.45 18.61 -28.83
CA VAL A 65 -11.51 18.63 -27.36
C VAL A 65 -12.80 19.28 -26.91
N PHE A 66 -13.17 20.39 -27.55
CA PHE A 66 -14.45 21.02 -27.28
C PHE A 66 -15.57 20.01 -27.48
N GLU A 67 -15.59 19.37 -28.66
CA GLU A 67 -16.60 18.36 -28.93
C GLU A 67 -16.58 17.25 -27.89
N MET A 68 -15.40 16.92 -27.39
CA MET A 68 -15.30 15.76 -26.52
C MET A 68 -15.67 16.13 -25.10
N VAL A 69 -15.37 17.35 -24.66
CA VAL A 69 -15.74 17.74 -23.29
C VAL A 69 -17.20 18.20 -23.20
N THR A 70 -17.72 18.88 -24.23
CA THR A 70 -19.04 19.45 -24.09
C THR A 70 -20.11 18.50 -24.55
N GLY A 71 -19.79 17.58 -25.44
CA GLY A 71 -20.81 16.70 -25.96
C GLY A 71 -21.44 17.17 -27.23
N TYR A 72 -21.10 18.36 -27.69
CA TYR A 72 -21.68 18.89 -28.91
C TYR A 72 -20.71 18.63 -30.05
N ARG A 73 -21.24 18.20 -31.16
CA ARG A 73 -20.40 17.92 -32.30
C ARG A 73 -20.28 19.15 -33.20
N ALA A 74 -19.18 19.24 -33.92
CA ALA A 74 -18.94 20.38 -34.78
C ALA A 74 -20.13 20.86 -35.60
N GLU A 75 -20.89 19.96 -36.21
CA GLU A 75 -21.94 20.43 -37.11
C GLU A 75 -23.14 20.96 -36.34
N GLU A 76 -23.31 20.48 -35.11
CA GLU A 76 -24.33 20.98 -34.20
C GLU A 76 -24.07 22.42 -33.81
N VAL A 77 -22.81 22.84 -33.75
CA VAL A 77 -22.49 24.18 -33.25
C VAL A 77 -22.02 25.14 -34.33
N LEU A 78 -21.67 24.68 -35.51
CA LEU A 78 -21.10 25.64 -36.45
C LEU A 78 -22.19 26.61 -36.85
N GLY A 79 -21.82 27.89 -36.88
CA GLY A 79 -22.76 28.92 -37.24
C GLY A 79 -23.63 29.42 -36.10
N ARG A 80 -23.57 28.79 -34.94
CA ARG A 80 -24.35 29.17 -33.78
C ARG A 80 -23.48 29.99 -32.84
N ASN A 81 -24.11 30.66 -31.90
CA ASN A 81 -23.35 31.45 -30.95
C ASN A 81 -23.14 30.58 -29.73
N CYS A 82 -21.98 30.76 -29.08
CA CYS A 82 -21.60 29.87 -27.99
C CYS A 82 -22.54 29.91 -26.81
N ARG A 83 -23.51 30.81 -26.79
CA ARG A 83 -24.25 30.98 -25.54
C ARG A 83 -25.14 29.79 -25.23
N PHE A 84 -25.36 28.90 -26.20
CA PHE A 84 -26.15 27.71 -25.93
C PHE A 84 -25.57 26.90 -24.79
N LEU A 85 -24.28 27.07 -24.51
CA LEU A 85 -23.62 26.35 -23.43
C LEU A 85 -24.12 26.78 -22.07
N GLN A 86 -24.88 27.88 -22.01
CA GLN A 86 -25.35 28.39 -20.73
C GLN A 86 -26.76 27.93 -20.43
N CYS A 87 -27.46 27.45 -21.44
CA CYS A 87 -28.65 26.63 -21.23
C CYS A 87 -28.21 25.21 -20.96
N ARG A 88 -28.97 24.52 -20.14
CA ARG A 88 -28.60 23.20 -19.68
C ARG A 88 -29.23 22.17 -20.61
N GLY A 89 -28.43 21.65 -21.52
CA GLY A 89 -28.88 20.62 -22.41
C GLY A 89 -29.10 21.20 -23.77
N PRO A 90 -29.45 20.37 -24.74
CA PRO A 90 -29.61 20.83 -26.12
C PRO A 90 -31.00 21.33 -26.46
N PHE A 91 -31.91 21.26 -25.50
CA PHE A 91 -33.32 21.59 -25.71
C PHE A 91 -33.75 22.84 -24.97
N ALA A 92 -33.34 23.01 -23.72
CA ALA A 92 -33.53 24.27 -23.03
C ALA A 92 -33.12 25.45 -23.91
N LYS A 93 -34.03 26.39 -24.04
CA LYS A 93 -33.89 27.58 -24.86
C LYS A 93 -33.60 28.80 -23.99
N ARG A 94 -33.64 28.68 -22.67
CA ARG A 94 -33.32 29.79 -21.78
C ARG A 94 -32.08 29.50 -20.93
N ARG A 95 -31.27 30.52 -20.71
CA ARG A 95 -30.07 30.30 -19.91
C ARG A 95 -30.48 29.85 -18.52
N HIS A 96 -29.63 29.05 -17.93
CA HIS A 96 -29.98 28.47 -16.64
C HIS A 96 -29.85 29.55 -15.57
N PRO A 97 -30.73 29.55 -14.59
CA PRO A 97 -30.69 30.59 -13.55
C PRO A 97 -29.36 30.84 -12.92
N LEU A 98 -28.59 29.77 -12.65
CA LEU A 98 -27.39 29.91 -11.83
C LEU A 98 -26.19 30.39 -12.62
N VAL A 99 -26.26 30.45 -13.95
CA VAL A 99 -25.29 31.21 -14.71
C VAL A 99 -25.31 32.67 -14.23
N ASP A 100 -24.15 33.17 -13.84
CA ASP A 100 -24.00 34.52 -13.31
C ASP A 100 -24.21 35.53 -14.43
N SER A 101 -25.36 36.22 -14.35
CA SER A 101 -25.76 37.22 -15.35
C SER A 101 -24.76 38.36 -15.42
N MET A 102 -24.03 38.59 -14.32
CA MET A 102 -23.05 39.66 -14.30
C MET A 102 -21.85 39.32 -15.16
N VAL A 103 -21.36 38.08 -15.07
CA VAL A 103 -20.22 37.65 -15.86
C VAL A 103 -20.55 37.63 -17.34
N VAL A 104 -21.72 37.09 -17.69
CA VAL A 104 -22.14 37.13 -19.08
C VAL A 104 -22.14 38.55 -19.60
N SER A 105 -22.45 39.51 -18.72
CA SER A 105 -22.52 40.91 -19.09
C SER A 105 -21.12 41.46 -19.39
N GLU A 106 -20.16 41.12 -18.53
CA GLU A 106 -18.77 41.49 -18.73
C GLU A 106 -18.23 40.92 -20.04
N ILE A 107 -18.59 39.68 -20.35
CA ILE A 107 -18.19 39.12 -21.63
C ILE A 107 -18.65 40.04 -22.74
N ARG A 108 -19.92 40.46 -22.67
CA ARG A 108 -20.51 41.33 -23.69
C ARG A 108 -19.71 42.61 -23.78
N LYS A 109 -19.41 43.21 -22.63
CA LYS A 109 -18.60 44.42 -22.60
C LYS A 109 -17.27 44.22 -23.31
N CYS A 110 -16.56 43.14 -23.01
CA CYS A 110 -15.25 42.99 -23.63
C CYS A 110 -15.36 42.73 -25.12
N ILE A 111 -16.29 41.89 -25.56
CA ILE A 111 -16.39 41.68 -27.00
C ILE A 111 -16.61 43.01 -27.68
N ASP A 112 -17.47 43.85 -27.08
CA ASP A 112 -17.84 45.15 -27.63
C ASP A 112 -16.68 46.12 -27.61
N GLU A 113 -16.01 46.28 -26.46
CA GLU A 113 -14.82 47.11 -26.33
C GLU A 113 -13.61 46.60 -27.12
N GLY A 114 -13.72 45.47 -27.82
CA GLY A 114 -12.63 44.92 -28.63
C GLY A 114 -11.43 44.41 -27.86
N ILE A 115 -11.62 43.95 -26.63
CA ILE A 115 -10.55 43.46 -25.78
C ILE A 115 -10.73 41.99 -25.37
N GLU A 116 -9.90 41.55 -24.43
CA GLU A 116 -9.88 40.18 -23.98
C GLU A 116 -10.72 40.08 -22.72
N PHE A 117 -11.51 39.01 -22.66
CA PHE A 117 -12.29 38.63 -21.50
C PHE A 117 -11.57 37.50 -20.82
N GLN A 118 -11.75 37.38 -19.51
CA GLN A 118 -11.09 36.31 -18.77
C GLN A 118 -11.91 36.06 -17.49
N GLY A 119 -12.83 35.11 -17.55
CA GLY A 119 -13.57 34.78 -16.34
C GLY A 119 -14.01 33.33 -16.22
N GLU A 120 -14.92 33.07 -15.30
CA GLU A 120 -15.42 31.76 -14.96
C GLU A 120 -16.95 31.85 -14.91
N LEU A 121 -17.61 30.84 -15.45
CA LEU A 121 -18.98 30.95 -15.94
C LEU A 121 -19.63 29.56 -15.99
N LEU A 122 -20.81 29.41 -15.44
CA LEU A 122 -21.40 28.07 -15.41
C LEU A 122 -21.82 27.66 -16.82
N ASN A 123 -21.34 26.50 -17.29
CA ASN A 123 -21.77 25.96 -18.56
C ASN A 123 -22.30 24.54 -18.37
N PHE A 124 -22.80 23.94 -19.45
CA PHE A 124 -23.45 22.64 -19.31
C PHE A 124 -23.11 21.79 -20.51
N ARG A 125 -22.75 20.55 -20.22
CA ARG A 125 -22.62 19.56 -21.27
C ARG A 125 -23.97 19.25 -21.85
N LYS A 126 -23.97 18.76 -23.08
CA LYS A 126 -25.19 18.28 -23.71
C LYS A 126 -25.86 17.13 -22.95
N ASP A 127 -25.14 16.38 -22.12
CA ASP A 127 -25.84 15.41 -21.27
C ASP A 127 -26.37 16.05 -20.01
N GLY A 128 -26.34 17.37 -19.93
CA GLY A 128 -26.89 18.07 -18.79
C GLY A 128 -25.92 18.37 -17.67
N SER A 129 -24.73 17.91 -17.73
CA SER A 129 -23.96 18.05 -16.51
C SER A 129 -23.30 19.42 -16.43
N PRO A 130 -23.15 19.93 -15.23
CA PRO A 130 -22.56 21.24 -15.05
C PRO A 130 -21.06 21.22 -15.13
N LEU A 131 -20.53 22.28 -15.74
CA LEU A 131 -19.10 22.53 -15.86
C LEU A 131 -18.86 24.00 -15.56
N MET A 132 -18.02 24.28 -14.60
CA MET A 132 -17.46 25.61 -14.48
C MET A 132 -16.49 25.86 -15.62
N ASN A 133 -16.85 26.72 -16.54
CA ASN A 133 -16.04 27.01 -17.72
C ASN A 133 -15.15 28.21 -17.42
N ARG A 134 -13.88 27.97 -17.22
CA ARG A 134 -12.91 29.02 -16.99
C ARG A 134 -12.44 29.49 -18.36
N LEU A 135 -12.95 30.65 -18.80
CA LEU A 135 -13.05 31.02 -20.21
C LEU A 135 -12.15 32.20 -20.50
N ARG A 136 -11.59 32.22 -21.70
CA ARG A 136 -10.72 33.32 -22.12
C ARG A 136 -11.05 33.63 -23.57
N LEU A 137 -11.33 34.90 -23.84
CA LEU A 137 -11.63 35.38 -25.18
C LEU A 137 -10.51 36.29 -25.63
N THR A 138 -10.03 36.04 -26.84
CA THR A 138 -8.88 36.77 -27.34
C THR A 138 -9.16 37.17 -28.78
N PRO A 139 -9.27 38.47 -29.04
CA PRO A 139 -9.66 38.95 -30.38
C PRO A 139 -8.45 39.05 -31.27
N ILE A 140 -8.69 38.86 -32.57
CA ILE A 140 -7.66 38.70 -33.58
C ILE A 140 -7.94 39.68 -34.72
N TYR A 141 -6.94 40.52 -35.02
CA TYR A 141 -7.11 41.53 -36.05
C TYR A 141 -6.78 41.01 -37.46
N GLY A 142 -7.66 41.37 -38.41
CA GLY A 142 -7.46 41.10 -39.82
C GLY A 142 -6.52 42.10 -40.47
N ASP A 143 -6.26 41.87 -41.77
CA ASP A 143 -5.35 42.72 -42.54
C ASP A 143 -6.14 43.96 -42.89
N ASP A 144 -6.02 44.95 -42.02
CA ASP A 144 -7.03 45.97 -41.76
C ASP A 144 -6.67 46.40 -40.34
N ASP A 145 -7.36 47.35 -39.72
CA ASP A 145 -7.21 47.53 -38.28
C ASP A 145 -8.46 47.05 -37.55
N THR A 146 -9.27 46.23 -38.21
CA THR A 146 -10.51 45.70 -37.66
C THR A 146 -10.29 44.28 -37.13
N ILE A 147 -11.06 43.94 -36.08
CA ILE A 147 -11.11 42.58 -35.54
C ILE A 147 -11.98 41.69 -36.41
N THR A 148 -11.40 40.60 -36.94
CA THR A 148 -12.14 39.71 -37.82
C THR A 148 -12.51 38.36 -37.21
N HIS A 149 -11.86 37.98 -36.10
CA HIS A 149 -12.09 36.70 -35.43
C HIS A 149 -11.87 36.84 -33.94
N ILE A 150 -12.57 36.01 -33.16
CA ILE A 150 -12.20 35.85 -31.77
C ILE A 150 -11.91 34.38 -31.46
N ILE A 151 -10.87 34.18 -30.65
CA ILE A 151 -10.42 32.87 -30.21
C ILE A 151 -10.92 32.66 -28.80
N GLY A 152 -11.66 31.58 -28.60
CA GLY A 152 -12.12 31.27 -27.26
C GLY A 152 -11.53 29.99 -26.74
N ILE A 153 -10.93 30.04 -25.56
CA ILE A 153 -10.22 28.92 -24.95
C ILE A 153 -10.97 28.56 -23.68
N GLN A 154 -11.71 27.46 -23.73
CA GLN A 154 -12.43 27.00 -22.55
C GLN A 154 -11.56 26.08 -21.69
N PHE A 155 -11.68 26.23 -20.38
CA PHE A 155 -11.14 25.25 -19.46
C PHE A 155 -12.25 24.74 -18.53
N PHE A 156 -12.94 23.69 -18.95
CA PHE A 156 -14.07 23.17 -18.20
C PHE A 156 -13.66 22.40 -16.96
N ILE A 157 -14.35 22.64 -15.87
CA ILE A 157 -14.06 21.99 -14.59
C ILE A 157 -15.31 21.32 -14.05
N GLU A 158 -15.12 20.19 -13.41
CA GLU A 158 -16.29 19.50 -12.88
C GLU A 158 -16.75 20.28 -11.67
N THR A 159 -18.06 20.26 -11.42
CA THR A 159 -18.58 21.07 -10.33
C THR A 159 -19.77 20.37 -9.73
N ASP A 160 -19.81 20.34 -8.40
CA ASP A 160 -20.90 19.70 -7.69
C ASP A 160 -21.97 20.72 -7.27
N ILE A 161 -21.93 21.90 -7.87
CA ILE A 161 -22.98 22.90 -7.74
C ILE A 161 -24.33 22.21 -7.67
N ASP A 162 -25.13 22.57 -6.67
CA ASP A 162 -26.48 22.04 -6.53
C ASP A 162 -27.38 22.78 -7.51
N LEU A 163 -28.07 22.03 -8.38
CA LEU A 163 -28.91 22.65 -9.41
C LEU A 163 -30.43 22.52 -9.19
N GLY A 164 -30.88 21.62 -8.31
CA GLY A 164 -32.30 21.38 -8.05
C GLY A 164 -32.94 20.40 -9.01
N PRO B 35 -4.39 -10.03 6.27
CA PRO B 35 -4.55 -9.08 7.39
C PRO B 35 -3.30 -9.00 8.27
N VAL B 36 -3.26 -8.04 9.18
CA VAL B 36 -2.04 -7.69 9.89
C VAL B 36 -2.20 -7.96 11.37
N GLY B 37 -1.23 -8.66 11.94
CA GLY B 37 -1.30 -9.02 13.35
C GLY B 37 -0.01 -9.66 13.82
N ASN B 38 0.03 -9.99 15.10
CA ASN B 38 1.19 -10.62 15.67
C ASN B 38 2.40 -9.72 15.52
N LEU B 39 2.18 -8.43 15.85
CA LEU B 39 3.21 -7.41 15.75
C LEU B 39 3.96 -7.26 17.06
N LEU B 40 5.20 -6.81 16.96
CA LEU B 40 5.91 -6.40 18.15
C LEU B 40 5.24 -5.14 18.74
N HIS B 41 5.41 -4.96 20.04
CA HIS B 41 4.88 -3.81 20.75
C HIS B 41 5.96 -2.78 21.07
N THR B 42 7.21 -3.18 21.00
CA THR B 42 8.34 -2.29 21.18
C THR B 42 9.21 -2.32 19.92
N ALA B 43 10.46 -1.74 20.04
CA ALA B 43 11.26 -1.84 18.82
C ALA B 43 12.06 -3.12 18.85
N PRO B 44 12.28 -3.66 17.72
CA PRO B 44 13.04 -4.90 17.65
C PRO B 44 14.51 -4.62 17.88
N CYS B 45 14.93 -4.83 19.12
CA CYS B 45 16.30 -4.69 19.57
C CYS B 45 16.70 -6.04 20.10
N SER B 46 17.91 -6.48 19.78
CA SER B 46 18.37 -7.81 20.16
C SER B 46 19.56 -7.62 21.08
N PHE B 47 19.57 -8.30 22.21
CA PHE B 47 20.80 -8.26 22.97
C PHE B 47 20.92 -9.50 23.85
N VAL B 48 22.01 -9.51 24.61
CA VAL B 48 22.64 -10.71 25.09
C VAL B 48 23.56 -10.26 26.21
N VAL B 49 23.57 -11.02 27.31
CA VAL B 49 24.48 -10.73 28.40
C VAL B 49 25.35 -11.95 28.69
N THR B 50 26.58 -11.68 29.13
CA THR B 50 27.55 -12.72 29.33
C THR B 50 28.17 -12.54 30.69
N ASP B 51 28.64 -13.66 31.25
CA ASP B 51 29.37 -13.66 32.51
C ASP B 51 30.84 -13.40 32.18
N ALA B 52 31.34 -12.25 32.62
CA ALA B 52 32.74 -11.92 32.37
C ALA B 52 33.70 -12.49 33.40
N VAL B 53 33.19 -13.06 34.48
CA VAL B 53 34.05 -13.74 35.45
C VAL B 53 34.21 -15.21 35.08
N GLU B 54 33.12 -15.86 34.77
CA GLU B 54 33.25 -17.19 34.23
C GLU B 54 34.18 -17.12 33.03
N PRO B 55 34.79 -18.23 32.66
CA PRO B 55 35.73 -18.22 31.53
C PRO B 55 34.98 -18.27 30.22
N ASP B 56 35.42 -17.43 29.28
CA ASP B 56 34.92 -17.45 27.91
C ASP B 56 33.47 -16.99 27.80
N GLN B 57 33.11 -15.96 28.58
CA GLN B 57 31.92 -15.14 28.35
C GLN B 57 30.73 -16.02 27.95
N PRO B 58 30.27 -16.88 28.83
CA PRO B 58 29.08 -17.67 28.52
C PRO B 58 27.83 -16.79 28.61
N ILE B 59 26.93 -16.99 27.65
CA ILE B 59 25.65 -16.30 27.68
C ILE B 59 24.93 -16.64 28.98
N ILE B 60 24.40 -15.62 29.64
CA ILE B 60 23.52 -15.82 30.78
C ILE B 60 22.13 -15.26 30.54
N TYR B 61 21.95 -14.41 29.53
CA TYR B 61 20.66 -13.87 29.12
C TYR B 61 20.65 -13.60 27.61
N VAL B 62 19.53 -13.91 26.98
CA VAL B 62 19.21 -13.41 25.66
C VAL B 62 17.79 -12.91 25.75
N ASN B 63 17.46 -11.85 25.04
CA ASN B 63 16.07 -11.40 24.99
C ASN B 63 15.31 -12.10 23.87
N THR B 64 14.01 -11.84 23.77
CA THR B 64 13.23 -12.65 22.84
C THR B 64 13.46 -12.19 21.42
N VAL B 65 13.90 -10.96 21.21
CA VAL B 65 14.21 -10.53 19.85
C VAL B 65 15.36 -11.36 19.29
N PHE B 66 16.44 -11.49 20.07
CA PHE B 66 17.49 -12.42 19.69
C PHE B 66 16.92 -13.76 19.28
N GLU B 67 16.11 -14.39 20.14
CA GLU B 67 15.51 -15.67 19.80
C GLU B 67 14.68 -15.60 18.53
N MET B 68 14.12 -14.45 18.22
CA MET B 68 13.19 -14.45 17.10
C MET B 68 13.94 -14.26 15.79
N VAL B 69 14.99 -13.45 15.82
CA VAL B 69 15.75 -13.16 14.60
C VAL B 69 16.67 -14.32 14.25
N THR B 70 17.57 -14.68 15.18
CA THR B 70 18.53 -15.76 14.93
C THR B 70 17.86 -17.13 14.79
N GLY B 71 16.76 -17.39 15.49
CA GLY B 71 16.13 -18.68 15.48
C GLY B 71 16.55 -19.62 16.61
N TYR B 72 17.53 -19.25 17.41
CA TYR B 72 17.96 -20.07 18.51
C TYR B 72 17.14 -19.71 19.73
N ARG B 73 16.56 -20.71 20.39
CA ARG B 73 15.82 -20.51 21.62
C ARG B 73 16.77 -20.37 22.81
N ALA B 74 16.30 -19.69 23.85
CA ALA B 74 17.22 -19.30 24.90
C ALA B 74 17.82 -20.49 25.63
N GLU B 75 17.10 -21.63 25.67
CA GLU B 75 17.66 -22.84 26.25
C GLU B 75 18.88 -23.31 25.47
N GLU B 76 18.85 -23.19 24.13
CA GLU B 76 19.97 -23.67 23.33
C GLU B 76 21.26 -22.88 23.49
N VAL B 77 21.21 -21.64 23.96
CA VAL B 77 22.39 -20.79 23.92
C VAL B 77 22.87 -20.38 25.29
N LEU B 78 22.10 -20.63 26.34
CA LEU B 78 22.57 -20.24 27.66
C LEU B 78 23.80 -21.04 28.02
N GLY B 79 24.76 -20.36 28.65
CA GLY B 79 26.02 -20.95 29.03
C GLY B 79 27.03 -21.20 27.91
N ARG B 80 26.63 -21.06 26.65
CA ARG B 80 27.50 -21.10 25.49
C ARG B 80 28.14 -19.72 25.20
N ASN B 81 29.10 -19.69 24.27
CA ASN B 81 29.71 -18.45 23.78
C ASN B 81 29.08 -18.10 22.45
N CYS B 82 28.91 -16.79 22.20
CA CYS B 82 28.12 -16.33 21.06
C CYS B 82 28.75 -16.67 19.72
N ARG B 83 30.05 -16.92 19.69
CA ARG B 83 30.72 -17.20 18.42
C ARG B 83 29.98 -18.26 17.60
N PHE B 84 29.17 -19.11 18.23
CA PHE B 84 28.45 -20.11 17.46
C PHE B 84 27.65 -19.47 16.33
N LEU B 85 27.36 -18.17 16.45
CA LEU B 85 26.61 -17.44 15.44
C LEU B 85 27.44 -17.20 14.18
N GLN B 86 28.77 -17.36 14.30
CA GLN B 86 29.69 -17.30 13.17
C GLN B 86 29.71 -18.58 12.35
N CYS B 87 29.24 -19.69 12.91
CA CYS B 87 29.11 -20.95 12.19
C CYS B 87 27.72 -21.05 11.59
N ARG B 88 27.67 -21.43 10.33
CA ARG B 88 26.39 -21.45 9.63
C ARG B 88 25.62 -22.70 9.97
N GLY B 89 24.63 -22.57 10.83
CA GLY B 89 23.82 -23.70 11.17
C GLY B 89 24.26 -24.28 12.49
N PRO B 90 23.37 -25.07 13.10
CA PRO B 90 23.72 -25.72 14.37
C PRO B 90 24.64 -26.92 14.22
N PHE B 91 24.74 -27.48 13.01
CA PHE B 91 25.59 -28.62 12.73
C PHE B 91 26.99 -28.21 12.32
N ALA B 92 27.09 -27.19 11.47
CA ALA B 92 28.38 -26.64 11.08
C ALA B 92 29.40 -26.69 12.21
N LYS B 93 30.52 -27.38 11.95
CA LYS B 93 31.55 -27.54 12.96
C LYS B 93 32.34 -26.24 13.14
N ARG B 94 32.93 -25.76 12.07
CA ARG B 94 33.83 -24.61 12.15
C ARG B 94 33.15 -23.32 11.71
N ARG B 95 33.62 -22.23 12.29
CA ARG B 95 33.29 -20.91 11.82
C ARG B 95 33.26 -20.88 10.30
N HIS B 96 32.40 -20.07 9.73
CA HIS B 96 32.37 -19.99 8.28
C HIS B 96 33.63 -19.29 7.78
N PRO B 97 34.09 -19.69 6.59
CA PRO B 97 35.23 -18.99 5.96
C PRO B 97 34.98 -17.53 5.72
N LEU B 98 33.79 -17.18 5.27
CA LEU B 98 33.54 -15.82 4.84
C LEU B 98 33.44 -14.78 5.95
N VAL B 99 33.46 -15.17 7.23
CA VAL B 99 33.38 -14.12 8.25
C VAL B 99 34.78 -13.56 8.44
N ASP B 100 34.88 -12.24 8.34
CA ASP B 100 36.16 -11.53 8.38
C ASP B 100 36.89 -11.74 9.69
N SER B 101 37.78 -12.73 9.73
CA SER B 101 38.47 -13.04 10.99
C SER B 101 39.28 -11.88 11.51
N MET B 102 39.49 -10.84 10.69
CA MET B 102 40.09 -9.62 11.18
C MET B 102 39.20 -8.98 12.24
N VAL B 103 37.90 -8.87 11.90
CA VAL B 103 36.91 -8.33 12.82
C VAL B 103 36.79 -9.22 14.03
N VAL B 104 36.65 -10.53 13.81
CA VAL B 104 36.56 -11.48 14.93
C VAL B 104 37.69 -11.21 15.92
N SER B 105 38.89 -10.99 15.42
CA SER B 105 40.02 -10.85 16.34
C SER B 105 40.05 -9.48 17.00
N GLU B 106 39.37 -8.50 16.43
CA GLU B 106 39.22 -7.20 17.08
C GLU B 106 38.29 -7.31 18.28
N ILE B 107 37.22 -8.09 18.12
CA ILE B 107 36.31 -8.35 19.23
C ILE B 107 37.07 -8.98 20.39
N ARG B 108 37.84 -10.06 20.11
CA ARG B 108 38.63 -10.72 21.15
C ARG B 108 39.61 -9.72 21.76
N LYS B 109 40.19 -8.86 20.94
CA LYS B 109 41.04 -7.81 21.48
C LYS B 109 40.28 -6.98 22.50
N CYS B 110 39.13 -6.43 22.08
CA CYS B 110 38.39 -5.50 22.93
C CYS B 110 37.96 -6.15 24.23
N ILE B 111 37.51 -7.41 24.16
CA ILE B 111 37.08 -8.13 25.36
C ILE B 111 38.26 -8.30 26.32
N ASP B 112 39.41 -8.78 25.80
CA ASP B 112 40.59 -9.00 26.62
C ASP B 112 41.11 -7.70 27.23
N GLU B 113 40.80 -6.55 26.63
CA GLU B 113 41.27 -5.26 27.12
C GLU B 113 40.22 -4.54 27.95
N GLY B 114 39.03 -5.12 28.07
CA GLY B 114 37.92 -4.51 28.80
C GLY B 114 37.42 -3.19 28.28
N ILE B 115 37.26 -3.07 26.96
CA ILE B 115 36.79 -1.85 26.30
C ILE B 115 35.60 -2.21 25.42
N GLU B 116 34.88 -1.18 25.02
CA GLU B 116 33.77 -1.32 24.09
C GLU B 116 34.22 -2.03 22.79
N PHE B 117 33.24 -2.42 21.98
CA PHE B 117 33.52 -2.84 20.61
C PHE B 117 32.37 -2.43 19.71
N GLN B 118 32.68 -1.82 18.58
CA GLN B 118 31.66 -1.58 17.57
C GLN B 118 32.21 -2.11 16.26
N GLY B 119 31.44 -2.97 15.60
CA GLY B 119 31.82 -3.46 14.30
C GLY B 119 30.65 -4.10 13.59
N GLU B 120 30.98 -4.92 12.59
CA GLU B 120 30.01 -5.56 11.70
C GLU B 120 30.65 -6.87 11.26
N LEU B 121 29.90 -7.96 11.30
CA LEU B 121 30.48 -9.24 10.93
C LEU B 121 29.36 -10.20 10.59
N LEU B 122 29.69 -11.21 9.78
CA LEU B 122 28.68 -12.19 9.40
C LEU B 122 28.26 -13.05 10.58
N ASN B 123 27.00 -13.47 10.56
CA ASN B 123 26.44 -14.39 11.53
C ASN B 123 25.40 -15.18 10.76
N PHE B 124 24.92 -16.24 11.38
CA PHE B 124 23.95 -17.07 10.67
C PHE B 124 22.81 -17.51 11.59
N ARG B 125 21.61 -17.33 11.07
CA ARG B 125 20.43 -17.95 11.65
C ARG B 125 20.61 -19.45 11.74
N LYS B 126 20.07 -20.03 12.82
CA LYS B 126 19.99 -21.47 12.90
C LYS B 126 19.44 -22.08 11.60
N ASP B 127 18.53 -21.41 10.92
CA ASP B 127 18.07 -22.00 9.66
C ASP B 127 19.03 -21.77 8.53
N GLY B 128 20.26 -21.37 8.84
CA GLY B 128 21.29 -21.20 7.82
C GLY B 128 21.41 -19.83 7.17
N SER B 129 20.37 -19.00 7.19
CA SER B 129 20.41 -17.74 6.46
C SER B 129 21.53 -16.83 6.98
N PRO B 130 22.11 -16.04 6.10
CA PRO B 130 23.19 -15.15 6.54
C PRO B 130 22.65 -13.80 6.95
N LEU B 131 23.32 -13.22 7.93
CA LEU B 131 22.96 -11.93 8.47
C LEU B 131 24.23 -11.16 8.75
N MET B 132 24.20 -9.88 8.42
CA MET B 132 25.29 -9.00 8.78
C MET B 132 24.96 -8.39 10.13
N ASN B 133 25.73 -8.78 11.14
CA ASN B 133 25.44 -8.41 12.52
C ASN B 133 26.24 -7.16 12.83
N ARG B 134 25.54 -6.06 12.86
CA ARG B 134 26.09 -4.80 13.28
C ARG B 134 26.03 -4.81 14.79
N LEU B 135 27.17 -5.08 15.43
CA LEU B 135 27.20 -5.52 16.81
C LEU B 135 27.91 -4.51 17.71
N ARG B 136 27.44 -4.37 18.94
CA ARG B 136 28.04 -3.43 19.90
C ARG B 136 28.15 -4.11 21.26
N LEU B 137 29.38 -4.33 21.71
CA LEU B 137 29.66 -4.91 23.02
C LEU B 137 30.03 -3.82 23.99
N THR B 138 29.45 -3.86 25.17
CA THR B 138 29.71 -2.78 26.12
C THR B 138 29.79 -3.40 27.51
N PRO B 139 30.96 -3.36 28.16
CA PRO B 139 31.14 -4.10 29.40
C PRO B 139 30.62 -3.32 30.58
N ILE B 140 30.22 -4.05 31.62
CA ILE B 140 29.52 -3.51 32.78
C ILE B 140 30.35 -3.80 34.02
N TYR B 141 30.43 -2.83 34.91
CA TYR B 141 31.25 -2.96 36.11
C TYR B 141 30.43 -3.39 37.33
N GLY B 142 30.92 -4.40 38.03
CA GLY B 142 30.42 -4.81 39.32
C GLY B 142 30.94 -3.93 40.45
N ASP B 143 30.66 -4.36 41.69
CA ASP B 143 30.74 -3.41 42.79
C ASP B 143 32.16 -3.22 43.34
N ASP B 144 33.13 -4.04 42.91
CA ASP B 144 34.53 -3.64 43.04
C ASP B 144 34.82 -2.64 41.93
N ASP B 145 35.94 -2.83 41.24
CA ASP B 145 36.23 -2.12 40.00
C ASP B 145 36.71 -3.19 39.02
N THR B 146 35.83 -4.17 38.85
CA THR B 146 36.04 -5.37 38.05
C THR B 146 34.88 -5.45 37.06
N ILE B 147 35.11 -6.03 35.90
CA ILE B 147 34.06 -6.21 34.91
C ILE B 147 33.42 -7.57 35.14
N THR B 148 32.09 -7.57 35.28
CA THR B 148 31.35 -8.76 35.69
C THR B 148 30.37 -9.25 34.66
N HIS B 149 29.85 -8.36 33.85
CA HIS B 149 28.98 -8.72 32.74
C HIS B 149 29.35 -7.88 31.54
N ILE B 150 28.98 -8.40 30.35
CA ILE B 150 29.10 -7.65 29.12
C ILE B 150 27.75 -7.70 28.40
N ILE B 151 27.20 -6.51 28.06
CA ILE B 151 25.97 -6.41 27.28
C ILE B 151 26.37 -6.45 25.82
N GLY B 152 25.62 -7.16 24.99
CA GLY B 152 25.89 -7.16 23.57
C GLY B 152 24.66 -6.94 22.71
N ILE B 153 24.57 -5.77 22.10
CA ILE B 153 23.42 -5.40 21.28
C ILE B 153 23.68 -5.76 19.83
N GLN B 154 22.83 -6.59 19.26
CA GLN B 154 22.88 -6.95 17.85
C GLN B 154 21.88 -6.21 16.98
N PHE B 155 22.33 -5.77 15.81
CA PHE B 155 21.44 -5.29 14.74
C PHE B 155 21.67 -6.16 13.51
N PHE B 156 20.86 -7.18 13.34
CA PHE B 156 21.03 -8.11 12.23
C PHE B 156 20.39 -7.55 10.96
N ILE B 157 21.16 -7.47 9.88
CA ILE B 157 20.67 -6.98 8.60
C ILE B 157 20.71 -8.10 7.56
N GLU B 158 19.66 -8.16 6.73
CA GLU B 158 19.64 -9.19 5.70
C GLU B 158 20.74 -8.88 4.69
N THR B 159 21.36 -9.94 4.17
CA THR B 159 22.50 -9.79 3.26
C THR B 159 22.45 -10.80 2.13
N ASP B 160 22.73 -10.30 0.94
CA ASP B 160 22.67 -11.10 -0.29
C ASP B 160 24.01 -11.77 -0.62
N ILE B 161 24.95 -11.79 0.33
CA ILE B 161 26.25 -12.42 0.18
C ILE B 161 26.12 -13.80 -0.46
N ASP B 162 27.16 -14.25 -1.13
CA ASP B 162 27.20 -15.54 -1.85
C ASP B 162 28.08 -16.50 -1.04
N LEU B 163 27.51 -17.64 -0.65
CA LEU B 163 28.26 -18.57 0.20
C LEU B 163 28.61 -19.89 -0.50
N GLY B 164 28.23 -20.07 -1.77
CA GLY B 164 28.65 -21.22 -2.57
C GLY B 164 27.78 -22.48 -2.53
N PRO C 35 16.88 2.87 9.54
CA PRO C 35 17.55 1.64 9.01
C PRO C 35 16.74 0.38 9.34
N VAL C 36 16.79 -0.68 8.54
CA VAL C 36 15.93 -1.85 8.71
C VAL C 36 16.75 -3.08 9.06
N GLY C 37 16.29 -3.79 10.09
CA GLY C 37 16.93 -5.02 10.50
C GLY C 37 16.15 -5.67 11.62
N ASN C 38 16.80 -6.63 12.30
CA ASN C 38 16.14 -7.46 13.31
C ASN C 38 14.80 -7.90 12.76
N LEU C 39 14.79 -8.22 11.48
CA LEU C 39 13.64 -8.75 10.78
C LEU C 39 13.44 -10.23 11.08
N LEU C 40 12.28 -10.72 10.71
CA LEU C 40 11.88 -12.10 10.99
C LEU C 40 11.86 -12.82 9.65
N HIS C 41 12.33 -14.05 9.65
CA HIS C 41 12.49 -14.79 8.41
C HIS C 41 11.24 -15.53 7.94
N THR C 42 10.26 -15.73 8.80
CA THR C 42 9.01 -16.43 8.51
C THR C 42 7.84 -15.45 8.59
N ALA C 43 6.67 -15.91 8.20
CA ALA C 43 5.47 -15.21 8.62
C ALA C 43 5.34 -15.39 10.12
N PRO C 44 4.83 -14.41 10.80
CA PRO C 44 4.73 -14.52 12.26
C PRO C 44 3.45 -15.27 12.59
N CYS C 45 3.61 -16.51 13.06
CA CYS C 45 2.50 -17.38 13.40
C CYS C 45 2.65 -17.75 14.86
N SER C 46 1.59 -17.55 15.63
CA SER C 46 1.64 -17.80 17.06
C SER C 46 0.87 -19.07 17.34
N PHE C 47 1.50 -20.03 18.00
CA PHE C 47 0.67 -21.09 18.52
C PHE C 47 1.27 -21.70 19.77
N VAL C 48 0.42 -22.49 20.38
CA VAL C 48 0.59 -23.02 21.72
C VAL C 48 0.06 -24.43 21.66
N VAL C 49 0.71 -25.32 22.42
CA VAL C 49 0.26 -26.70 22.55
C VAL C 49 -0.03 -27.02 24.01
N THR C 50 -1.14 -27.76 24.23
CA THR C 50 -1.56 -28.15 25.57
C THR C 50 -1.72 -29.66 25.65
N ASP C 51 -1.38 -30.19 26.85
CA ASP C 51 -1.61 -31.59 27.24
C ASP C 51 -3.09 -31.81 27.53
N ALA C 52 -3.79 -32.44 26.60
CA ALA C 52 -5.22 -32.72 26.79
C ALA C 52 -5.49 -33.84 27.77
N VAL C 53 -4.46 -34.51 28.25
CA VAL C 53 -4.60 -35.64 29.16
C VAL C 53 -4.59 -35.14 30.59
N GLU C 54 -3.44 -34.58 31.03
CA GLU C 54 -3.34 -34.02 32.38
C GLU C 54 -4.49 -33.04 32.56
N PRO C 55 -4.78 -32.62 33.77
CA PRO C 55 -5.98 -31.81 33.98
C PRO C 55 -5.73 -30.34 33.65
N ASP C 56 -6.80 -29.70 33.12
CA ASP C 56 -6.83 -28.25 32.85
C ASP C 56 -5.80 -27.79 31.80
N GLN C 57 -5.61 -28.59 30.75
CA GLN C 57 -4.87 -28.21 29.55
C GLN C 57 -3.65 -27.34 29.84
N PRO C 58 -2.65 -27.85 30.55
CA PRO C 58 -1.45 -27.06 30.77
C PRO C 58 -0.69 -26.86 29.46
N ILE C 59 -0.09 -25.68 29.33
CA ILE C 59 0.74 -25.39 28.18
C ILE C 59 2.00 -26.24 28.25
N ILE C 60 2.34 -26.91 27.15
CA ILE C 60 3.58 -27.66 27.05
C ILE C 60 4.52 -27.14 25.97
N TYR C 61 4.03 -26.34 25.01
CA TYR C 61 4.86 -25.62 24.06
C TYR C 61 4.27 -24.25 23.75
N VAL C 62 5.16 -23.26 23.59
CA VAL C 62 4.84 -22.03 22.90
C VAL C 62 6.00 -21.70 21.95
N ASN C 63 5.68 -21.19 20.75
CA ASN C 63 6.73 -20.78 19.83
C ASN C 63 7.20 -19.36 20.16
N THR C 64 8.32 -18.95 19.55
CA THR C 64 8.86 -17.65 19.93
C THR C 64 7.94 -16.52 19.45
N VAL C 65 7.08 -16.75 18.47
CA VAL C 65 6.20 -15.66 18.06
C VAL C 65 5.25 -15.31 19.19
N PHE C 66 4.66 -16.32 19.81
CA PHE C 66 3.86 -16.13 21.01
C PHE C 66 4.61 -15.30 22.03
N GLU C 67 5.77 -15.79 22.46
CA GLU C 67 6.56 -15.03 23.42
C GLU C 67 6.76 -13.58 22.96
N MET C 68 6.90 -13.37 21.67
CA MET C 68 7.33 -12.05 21.22
C MET C 68 6.15 -11.11 21.21
N VAL C 69 5.00 -11.59 20.76
CA VAL C 69 3.78 -10.78 20.75
C VAL C 69 3.24 -10.54 22.17
N THR C 70 2.98 -11.62 22.92
CA THR C 70 2.36 -11.50 24.23
C THR C 70 3.31 -10.90 25.25
N GLY C 71 4.59 -11.20 25.17
CA GLY C 71 5.51 -10.71 26.17
C GLY C 71 5.82 -11.72 27.23
N TYR C 72 5.18 -12.86 27.21
CA TYR C 72 5.44 -13.88 28.19
C TYR C 72 6.52 -14.79 27.68
N ARG C 73 7.51 -15.08 28.52
CA ARG C 73 8.52 -16.03 28.09
C ARG C 73 8.00 -17.44 28.34
N ALA C 74 8.58 -18.41 27.64
CA ALA C 74 8.03 -19.75 27.67
C ALA C 74 7.99 -20.32 29.09
N GLU C 75 9.08 -20.17 29.86
CA GLU C 75 9.08 -20.71 31.22
C GLU C 75 7.98 -20.11 32.09
N GLU C 76 7.63 -18.84 31.86
CA GLU C 76 6.57 -18.21 32.62
C GLU C 76 5.22 -18.87 32.40
N VAL C 77 5.02 -19.52 31.26
CA VAL C 77 3.70 -20.01 30.88
C VAL C 77 3.66 -21.51 30.74
N LEU C 78 4.78 -22.19 30.82
CA LEU C 78 4.76 -23.63 30.68
C LEU C 78 4.04 -24.21 31.89
N GLY C 79 3.14 -25.15 31.62
CA GLY C 79 2.34 -25.76 32.66
C GLY C 79 1.31 -24.87 33.30
N ARG C 80 1.02 -23.70 32.72
CA ARG C 80 -0.12 -22.89 33.10
C ARG C 80 -1.25 -23.19 32.13
N ASN C 81 -2.40 -22.63 32.40
CA ASN C 81 -3.51 -22.65 31.46
C ASN C 81 -3.61 -21.30 30.77
N CYS C 82 -3.91 -21.32 29.48
CA CYS C 82 -3.92 -20.08 28.73
C CYS C 82 -4.91 -19.02 29.23
N ARG C 83 -5.72 -19.28 30.25
CA ARG C 83 -6.62 -18.22 30.70
C ARG C 83 -5.88 -16.92 31.01
N PHE C 84 -4.61 -16.99 31.42
CA PHE C 84 -3.99 -15.80 32.00
C PHE C 84 -3.97 -14.69 30.98
N LEU C 85 -3.96 -15.06 29.71
CA LEU C 85 -4.04 -14.09 28.63
C LEU C 85 -5.30 -13.27 28.71
N GLN C 86 -6.31 -13.70 29.47
CA GLN C 86 -7.56 -12.94 29.57
C GLN C 86 -7.55 -11.97 30.75
N CYS C 87 -6.48 -11.96 31.54
CA CYS C 87 -6.27 -11.01 32.62
C CYS C 87 -5.24 -9.97 32.19
N ARG C 88 -5.59 -8.70 32.36
CA ARG C 88 -4.70 -7.61 31.98
C ARG C 88 -3.42 -7.69 32.79
N GLY C 89 -2.49 -8.48 32.33
CA GLY C 89 -1.18 -8.41 32.89
C GLY C 89 -1.03 -9.43 33.97
N PRO C 90 0.22 -9.69 34.36
CA PRO C 90 0.50 -10.71 35.37
C PRO C 90 0.08 -10.29 36.77
N PHE C 91 -0.34 -9.05 36.92
CA PHE C 91 -0.72 -8.50 38.21
C PHE C 91 -2.21 -8.48 38.40
N ALA C 92 -2.97 -8.80 37.36
CA ALA C 92 -4.42 -8.77 37.46
C ALA C 92 -4.87 -9.89 38.38
N LYS C 93 -6.00 -9.62 39.01
CA LYS C 93 -6.63 -10.52 39.96
C LYS C 93 -7.83 -11.23 39.34
N ARG C 94 -8.22 -10.84 38.15
CA ARG C 94 -9.44 -11.31 37.51
C ARG C 94 -9.29 -11.32 36.00
N ARG C 95 -9.95 -12.24 35.34
CA ARG C 95 -10.15 -12.06 33.91
C ARG C 95 -10.81 -10.72 33.72
N HIS C 96 -10.27 -9.91 32.85
CA HIS C 96 -10.78 -8.57 32.69
C HIS C 96 -12.27 -8.61 32.36
N PRO C 97 -13.01 -7.63 32.87
CA PRO C 97 -14.45 -7.58 32.61
C PRO C 97 -14.86 -7.54 31.18
N LEU C 98 -14.08 -6.92 30.29
CA LEU C 98 -14.56 -6.77 28.93
C LEU C 98 -14.40 -8.03 28.09
N VAL C 99 -13.58 -9.00 28.55
CA VAL C 99 -13.49 -10.30 27.92
C VAL C 99 -14.87 -10.94 27.93
N ASP C 100 -15.45 -11.12 26.75
CA ASP C 100 -16.76 -11.73 26.55
C ASP C 100 -16.90 -13.12 27.15
N SER C 101 -17.75 -13.27 28.17
CA SER C 101 -17.88 -14.57 28.80
C SER C 101 -18.60 -15.58 27.91
N MET C 102 -19.43 -15.13 26.97
CA MET C 102 -20.04 -16.07 26.04
C MET C 102 -18.99 -16.86 25.28
N VAL C 103 -17.99 -16.15 24.75
CA VAL C 103 -16.97 -16.79 23.94
C VAL C 103 -16.12 -17.68 24.81
N VAL C 104 -15.73 -17.20 26.00
CA VAL C 104 -14.97 -18.06 26.90
C VAL C 104 -15.74 -19.36 27.15
N SER C 105 -17.07 -19.25 27.27
CA SER C 105 -17.92 -20.41 27.42
C SER C 105 -17.80 -21.32 26.21
N GLU C 106 -18.07 -20.75 25.02
CA GLU C 106 -17.93 -21.44 23.74
C GLU C 106 -16.64 -22.25 23.68
N ILE C 107 -15.51 -21.66 24.10
CA ILE C 107 -14.25 -22.41 24.09
C ILE C 107 -14.37 -23.65 24.95
N ARG C 108 -14.86 -23.47 26.19
CA ARG C 108 -14.93 -24.56 27.16
C ARG C 108 -15.82 -25.68 26.62
N LYS C 109 -17.00 -25.30 26.08
CA LYS C 109 -17.85 -26.27 25.38
C LYS C 109 -17.02 -27.08 24.38
N CYS C 110 -16.22 -26.39 23.56
CA CYS C 110 -15.53 -27.05 22.46
C CYS C 110 -14.42 -27.96 22.96
N ILE C 111 -13.76 -27.58 24.05
CA ILE C 111 -12.69 -28.44 24.54
C ILE C 111 -13.27 -29.72 25.12
N ASP C 112 -14.41 -29.61 25.83
CA ASP C 112 -15.06 -30.76 26.45
C ASP C 112 -15.58 -31.74 25.40
N GLU C 113 -16.26 -31.24 24.39
CA GLU C 113 -16.73 -32.09 23.32
C GLU C 113 -15.61 -32.63 22.42
N GLY C 114 -14.34 -32.25 22.64
CA GLY C 114 -13.20 -32.72 21.85
C GLY C 114 -13.30 -32.35 20.38
N ILE C 115 -13.59 -31.06 20.13
CA ILE C 115 -13.82 -30.53 18.79
C ILE C 115 -13.10 -29.17 18.63
N GLU C 116 -13.22 -28.63 17.41
CA GLU C 116 -12.55 -27.39 17.06
C GLU C 116 -13.28 -26.19 17.61
N PHE C 117 -12.51 -25.23 18.12
CA PHE C 117 -13.01 -23.89 18.39
C PHE C 117 -12.48 -22.88 17.38
N GLN C 118 -13.25 -21.82 17.14
CA GLN C 118 -12.85 -20.75 16.25
C GLN C 118 -13.65 -19.52 16.64
N GLY C 119 -12.99 -18.54 17.26
CA GLY C 119 -13.66 -17.27 17.57
C GLY C 119 -12.69 -16.21 18.02
N GLU C 120 -13.24 -15.06 18.40
CA GLU C 120 -12.46 -13.88 18.80
C GLU C 120 -12.72 -13.49 20.24
N LEU C 121 -11.71 -12.93 20.91
CA LEU C 121 -11.65 -12.91 22.37
C LEU C 121 -10.62 -11.89 22.83
N LEU C 122 -10.96 -11.05 23.82
CA LEU C 122 -9.97 -10.11 24.35
C LEU C 122 -8.83 -10.79 25.08
N ASN C 123 -7.60 -10.34 24.84
CA ASN C 123 -6.44 -10.87 25.54
C ASN C 123 -5.51 -9.70 25.86
N PHE C 124 -4.47 -9.96 26.63
CA PHE C 124 -3.64 -8.90 27.16
C PHE C 124 -2.20 -9.36 27.11
N ARG C 125 -1.32 -8.45 26.69
CA ARG C 125 0.09 -8.71 26.83
C ARG C 125 0.51 -8.57 28.28
N LYS C 126 1.62 -9.20 28.62
CA LYS C 126 2.20 -8.98 29.94
C LYS C 126 2.38 -7.49 30.25
N ASP C 127 2.67 -6.67 29.25
CA ASP C 127 2.79 -5.24 29.52
C ASP C 127 1.42 -4.59 29.69
N GLY C 128 0.38 -5.39 29.77
CA GLY C 128 -0.95 -4.90 30.04
C GLY C 128 -1.78 -4.49 28.83
N SER C 129 -1.23 -4.48 27.65
CA SER C 129 -1.98 -3.89 26.54
C SER C 129 -2.97 -4.85 25.92
N PRO C 130 -4.06 -4.31 25.41
CA PRO C 130 -5.10 -5.15 24.82
C PRO C 130 -4.85 -5.59 23.38
N LEU C 131 -5.23 -6.83 23.13
CA LEU C 131 -5.13 -7.47 21.82
C LEU C 131 -6.39 -8.26 21.62
N MET C 132 -7.01 -8.08 20.49
CA MET C 132 -8.03 -9.01 20.07
C MET C 132 -7.38 -10.25 19.47
N ASN C 133 -7.73 -11.42 20.00
CA ASN C 133 -7.08 -12.66 19.62
C ASN C 133 -8.07 -13.45 18.77
N ARG C 134 -7.81 -13.53 17.47
CA ARG C 134 -8.54 -14.42 16.57
C ARG C 134 -7.97 -15.84 16.75
N LEU C 135 -8.63 -16.63 17.59
CA LEU C 135 -8.10 -17.89 18.12
C LEU C 135 -8.74 -19.08 17.42
N ARG C 136 -7.93 -20.11 17.19
CA ARG C 136 -8.37 -21.35 16.55
C ARG C 136 -7.70 -22.45 17.33
N LEU C 137 -8.51 -23.37 17.86
CA LEU C 137 -8.03 -24.52 18.60
C LEU C 137 -8.44 -25.79 17.88
N THR C 138 -7.46 -26.68 17.63
CA THR C 138 -7.85 -27.96 17.06
C THR C 138 -7.26 -29.09 17.91
N PRO C 139 -8.01 -30.16 18.12
CA PRO C 139 -7.51 -31.26 18.96
C PRO C 139 -6.85 -32.30 18.09
N ILE C 140 -5.86 -32.96 18.70
CA ILE C 140 -4.96 -33.91 18.07
C ILE C 140 -5.08 -35.27 18.76
N TYR C 141 -5.33 -36.32 17.98
CA TYR C 141 -5.49 -37.64 18.56
C TYR C 141 -4.16 -38.39 18.65
N GLY C 142 -4.04 -39.20 19.69
CA GLY C 142 -2.95 -40.13 19.82
C GLY C 142 -3.29 -41.47 19.21
N ASP C 143 -2.47 -42.46 19.53
CA ASP C 143 -2.72 -43.80 19.00
C ASP C 143 -3.96 -44.40 19.63
N ASP C 144 -4.21 -44.09 20.87
CA ASP C 144 -5.34 -44.65 21.56
C ASP C 144 -6.72 -44.16 21.00
N ASP C 145 -6.83 -43.38 19.93
CA ASP C 145 -8.09 -42.72 19.57
C ASP C 145 -8.65 -41.94 20.76
N THR C 146 -7.74 -41.26 21.44
CA THR C 146 -8.00 -40.34 22.54
C THR C 146 -7.22 -39.05 22.27
N ILE C 147 -7.85 -37.90 22.50
CA ILE C 147 -7.17 -36.63 22.27
C ILE C 147 -6.01 -36.50 23.25
N THR C 148 -4.78 -36.48 22.72
CA THR C 148 -3.58 -36.31 23.54
C THR C 148 -3.21 -34.84 23.75
N HIS C 149 -3.49 -34.00 22.75
CA HIS C 149 -2.98 -32.63 22.71
C HIS C 149 -3.99 -31.72 22.04
N ILE C 150 -3.93 -30.44 22.38
CA ILE C 150 -4.62 -29.42 21.60
C ILE C 150 -3.62 -28.41 21.06
N ILE C 151 -3.83 -28.00 19.80
CA ILE C 151 -3.03 -26.98 19.13
C ILE C 151 -3.84 -25.70 19.09
N GLY C 152 -3.21 -24.59 19.45
CA GLY C 152 -3.91 -23.33 19.36
C GLY C 152 -3.12 -22.32 18.56
N ILE C 153 -3.74 -21.80 17.48
CA ILE C 153 -3.13 -20.79 16.64
C ILE C 153 -3.74 -19.44 16.98
N GLN C 154 -2.92 -18.54 17.48
CA GLN C 154 -3.36 -17.19 17.81
C GLN C 154 -3.02 -16.19 16.71
N PHE C 155 -4.00 -15.34 16.37
CA PHE C 155 -3.77 -14.17 15.55
C PHE C 155 -4.12 -12.91 16.33
N PHE C 156 -3.11 -12.31 16.97
CA PHE C 156 -3.32 -11.12 17.78
C PHE C 156 -3.39 -9.83 16.94
N ILE C 157 -4.57 -9.26 16.82
CA ILE C 157 -4.73 -7.98 16.13
C ILE C 157 -4.86 -6.85 17.18
N GLU C 158 -4.28 -5.69 16.91
CA GLU C 158 -4.33 -4.61 17.90
C GLU C 158 -5.74 -4.03 17.97
N THR C 159 -6.04 -3.36 19.09
CA THR C 159 -7.40 -2.86 19.30
C THR C 159 -7.41 -1.57 20.09
N ASP C 160 -8.30 -0.65 19.66
CA ASP C 160 -8.51 0.65 20.28
C ASP C 160 -9.61 0.63 21.34
N ILE C 161 -9.86 -0.53 21.95
CA ILE C 161 -10.95 -0.68 22.91
C ILE C 161 -10.70 0.20 24.12
N ASP C 162 -11.74 0.94 24.54
CA ASP C 162 -11.74 1.68 25.80
C ASP C 162 -11.80 0.67 26.95
N LEU C 163 -10.68 0.50 27.64
CA LEU C 163 -10.60 -0.53 28.67
C LEU C 163 -11.12 -0.07 30.02
N GLY C 164 -11.65 1.15 30.08
CA GLY C 164 -12.31 1.67 31.25
C GLY C 164 -11.44 1.92 32.49
N PRO C 165 -12.09 2.58 33.49
CA PRO C 165 -11.66 2.78 34.88
C PRO C 165 -10.66 1.76 35.44
N PRO D 35 5.49 26.31 0.47
CA PRO D 35 6.12 26.01 -0.82
C PRO D 35 5.18 25.32 -1.79
N VAL D 36 4.05 25.96 -2.09
CA VAL D 36 3.19 25.54 -3.18
C VAL D 36 2.48 26.78 -3.72
N GLY D 37 3.00 27.33 -4.81
CA GLY D 37 2.49 28.61 -5.26
C GLY D 37 2.61 28.90 -6.73
N ASN D 38 2.32 30.15 -7.10
CA ASN D 38 2.48 30.61 -8.45
C ASN D 38 2.05 29.55 -9.42
N LEU D 39 0.89 28.97 -9.10
CA LEU D 39 0.31 27.92 -9.91
C LEU D 39 -0.46 28.51 -11.08
N LEU D 40 -0.55 27.73 -12.14
CA LEU D 40 -1.42 28.14 -13.23
C LEU D 40 -2.86 27.83 -12.86
N HIS D 41 -3.77 28.65 -13.39
CA HIS D 41 -5.18 28.56 -13.11
C HIS D 41 -5.97 27.86 -14.22
N THR D 42 -5.38 27.70 -15.38
CA THR D 42 -5.97 26.98 -16.48
C THR D 42 -4.96 25.92 -16.94
N ALA D 43 -5.41 24.96 -17.73
CA ALA D 43 -4.48 24.03 -18.35
C ALA D 43 -3.52 24.81 -19.24
N PRO D 44 -2.27 24.44 -19.26
CA PRO D 44 -1.30 25.13 -20.10
C PRO D 44 -1.44 24.65 -21.54
N CYS D 45 -1.91 25.55 -22.39
CA CYS D 45 -2.07 25.35 -23.83
C CYS D 45 -1.26 26.43 -24.51
N SER D 46 -0.67 26.11 -25.65
CA SER D 46 0.25 27.04 -26.30
C SER D 46 -0.31 27.44 -27.65
N PHE D 47 -0.69 28.72 -27.79
CA PHE D 47 -1.32 29.23 -28.99
C PHE D 47 -0.39 30.21 -29.68
N VAL D 48 -0.44 30.20 -31.00
CA VAL D 48 0.22 31.20 -31.80
C VAL D 48 -0.68 31.44 -33.00
N VAL D 49 -0.85 32.70 -33.39
CA VAL D 49 -1.65 33.01 -34.58
C VAL D 49 -0.80 33.80 -35.57
N THR D 50 -0.97 33.48 -36.85
CA THR D 50 -0.26 34.19 -37.91
C THR D 50 -1.21 34.77 -38.95
N ASP D 51 -0.67 35.77 -39.67
CA ASP D 51 -1.31 36.45 -40.79
C ASP D 51 -1.05 35.67 -42.07
N ALA D 52 -2.10 35.12 -42.66
CA ALA D 52 -1.94 34.31 -43.87
C ALA D 52 -2.00 35.15 -45.13
N VAL D 53 -2.26 36.46 -45.01
CA VAL D 53 -2.32 37.37 -46.14
C VAL D 53 -0.92 37.92 -46.41
N GLU D 54 -0.37 38.61 -45.41
CA GLU D 54 1.00 39.09 -45.50
C GLU D 54 1.94 37.92 -45.77
N PRO D 55 3.07 38.19 -46.40
CA PRO D 55 3.92 37.10 -46.87
C PRO D 55 4.63 36.40 -45.70
N ASP D 56 4.72 35.06 -45.79
CA ASP D 56 5.54 34.27 -44.87
C ASP D 56 4.97 34.21 -43.44
N GLN D 57 3.64 34.25 -43.28
CA GLN D 57 2.98 33.94 -42.01
C GLN D 57 3.70 34.55 -40.81
N PRO D 58 3.70 35.86 -40.68
CA PRO D 58 4.26 36.47 -39.47
C PRO D 58 3.35 36.25 -38.27
N ILE D 59 3.98 36.07 -37.11
CA ILE D 59 3.24 35.88 -35.88
C ILE D 59 2.58 37.19 -35.49
N ILE D 60 1.27 37.15 -35.27
CA ILE D 60 0.55 38.33 -34.81
C ILE D 60 0.10 38.23 -33.37
N TYR D 61 0.01 37.02 -32.81
CA TYR D 61 -0.31 36.85 -31.40
C TYR D 61 0.38 35.60 -30.88
N VAL D 62 0.77 35.63 -29.61
CA VAL D 62 1.15 34.44 -28.87
C VAL D 62 0.59 34.57 -27.47
N ASN D 63 0.03 33.50 -26.93
CA ASN D 63 -0.42 33.56 -25.55
C ASN D 63 0.76 33.49 -24.59
N THR D 64 0.48 33.72 -23.32
CA THR D 64 1.61 33.77 -22.41
C THR D 64 2.02 32.40 -21.99
N VAL D 65 1.43 31.37 -22.58
CA VAL D 65 1.92 30.04 -22.26
C VAL D 65 3.05 29.66 -23.19
N PHE D 66 2.90 29.95 -24.48
CA PHE D 66 4.02 29.99 -25.40
C PHE D 66 5.16 30.81 -24.83
N GLU D 67 4.89 32.05 -24.47
CA GLU D 67 5.91 32.84 -23.81
C GLU D 67 6.56 32.10 -22.66
N MET D 68 5.79 31.31 -21.92
CA MET D 68 6.34 30.72 -20.70
C MET D 68 7.14 29.46 -20.99
N VAL D 69 6.71 28.68 -21.97
CA VAL D 69 7.36 27.39 -22.24
C VAL D 69 8.61 27.60 -23.06
N THR D 70 8.51 28.36 -24.14
CA THR D 70 9.66 28.60 -24.99
C THR D 70 10.64 29.62 -24.45
N GLY D 71 10.23 30.52 -23.57
CA GLY D 71 11.11 31.55 -23.04
C GLY D 71 11.15 32.81 -23.88
N TYR D 72 10.52 32.79 -25.04
CA TYR D 72 10.47 33.93 -25.94
C TYR D 72 9.32 34.84 -25.54
N ARG D 73 9.61 36.07 -25.13
CA ARG D 73 8.53 37.02 -24.87
C ARG D 73 7.90 37.43 -26.20
N ALA D 74 6.80 38.13 -26.13
CA ALA D 74 6.05 38.32 -27.38
C ALA D 74 6.65 39.40 -28.28
N GLU D 75 7.25 40.47 -27.73
CA GLU D 75 7.91 41.44 -28.60
C GLU D 75 8.96 40.77 -29.47
N GLU D 76 9.70 39.82 -28.89
CA GLU D 76 10.76 39.14 -29.61
C GLU D 76 10.23 38.40 -30.83
N VAL D 77 9.04 37.85 -30.77
CA VAL D 77 8.58 36.95 -31.83
C VAL D 77 7.55 37.60 -32.72
N LEU D 78 6.92 38.69 -32.30
CA LEU D 78 5.88 39.29 -33.12
C LEU D 78 6.49 39.72 -34.46
N GLY D 79 5.83 39.31 -35.52
CA GLY D 79 6.24 39.71 -36.83
C GLY D 79 7.17 38.76 -37.51
N ARG D 80 7.90 37.96 -36.71
CA ARG D 80 8.76 36.89 -37.21
C ARG D 80 7.93 35.67 -37.61
N ASN D 81 8.58 34.74 -38.30
CA ASN D 81 7.97 33.48 -38.68
C ASN D 81 8.41 32.40 -37.70
N CYS D 82 7.51 31.45 -37.45
CA CYS D 82 7.70 30.52 -36.34
C CYS D 82 8.98 29.71 -36.46
N ARG D 83 9.43 29.41 -37.69
CA ARG D 83 10.59 28.55 -37.87
C ARG D 83 11.79 28.92 -37.00
N PHE D 84 11.83 30.13 -36.45
CA PHE D 84 12.94 30.45 -35.56
C PHE D 84 13.02 29.51 -34.38
N LEU D 85 11.97 28.73 -34.13
CA LEU D 85 11.92 27.79 -33.02
C LEU D 85 12.74 26.56 -33.34
N GLN D 86 12.86 26.25 -34.64
CA GLN D 86 13.67 25.15 -35.15
C GLN D 86 15.16 25.41 -35.02
N CYS D 87 15.55 26.64 -34.67
CA CYS D 87 16.95 27.03 -34.46
C CYS D 87 17.24 27.00 -32.98
N ARG D 88 18.35 26.39 -32.61
CA ARG D 88 18.62 26.18 -31.21
C ARG D 88 19.20 27.45 -30.65
N GLY D 89 18.35 28.23 -29.99
CA GLY D 89 18.81 29.43 -29.37
C GLY D 89 18.41 30.63 -30.19
N PRO D 90 18.46 31.80 -29.55
CA PRO D 90 18.20 33.04 -30.29
C PRO D 90 19.33 33.38 -31.24
N PHE D 91 20.52 32.84 -31.01
CA PHE D 91 21.72 33.25 -31.72
C PHE D 91 22.02 32.35 -32.91
N ALA D 92 21.76 31.06 -32.80
CA ALA D 92 21.82 30.15 -33.94
C ALA D 92 21.30 30.81 -35.20
N LYS D 93 22.08 30.72 -36.27
CA LYS D 93 21.69 31.26 -37.57
C LYS D 93 20.83 30.27 -38.35
N ARG D 94 21.22 28.99 -38.34
CA ARG D 94 20.62 27.96 -39.17
C ARG D 94 19.82 26.99 -38.31
N ARG D 95 18.73 26.49 -38.88
CA ARG D 95 17.97 25.40 -38.26
C ARG D 95 18.88 24.23 -37.88
N HIS D 96 18.61 23.66 -36.71
CA HIS D 96 19.48 22.62 -36.19
C HIS D 96 19.47 21.37 -37.07
N PRO D 97 20.65 20.76 -37.29
CA PRO D 97 20.73 19.49 -38.04
C PRO D 97 19.61 18.49 -37.78
N LEU D 98 19.23 18.40 -36.51
CA LEU D 98 18.43 17.26 -36.06
C LEU D 98 16.93 17.43 -36.24
N VAL D 99 16.43 18.61 -36.58
CA VAL D 99 15.00 18.69 -36.84
C VAL D 99 14.76 18.03 -38.19
N ASP D 100 13.73 17.20 -38.22
CA ASP D 100 13.47 16.33 -39.35
C ASP D 100 13.00 17.19 -40.51
N SER D 101 13.92 17.47 -41.43
CA SER D 101 13.62 18.29 -42.61
C SER D 101 12.46 17.76 -43.40
N MET D 102 12.08 16.50 -43.19
CA MET D 102 10.97 15.94 -43.96
C MET D 102 9.64 16.45 -43.44
N VAL D 103 9.55 16.62 -42.12
CA VAL D 103 8.35 17.16 -41.49
C VAL D 103 8.22 18.63 -41.82
N VAL D 104 9.34 19.38 -41.67
CA VAL D 104 9.34 20.79 -42.04
C VAL D 104 8.74 20.94 -43.42
N SER D 105 9.04 20.03 -44.33
CA SER D 105 8.50 20.12 -45.67
C SER D 105 7.00 19.81 -45.69
N GLU D 106 6.51 18.93 -44.81
CA GLU D 106 5.07 18.67 -44.76
C GLU D 106 4.32 19.92 -44.33
N ILE D 107 4.84 20.60 -43.31
CA ILE D 107 4.25 21.84 -42.87
C ILE D 107 4.12 22.78 -44.05
N ARG D 108 5.23 23.01 -44.75
CA ARG D 108 5.21 23.85 -45.96
C ARG D 108 4.14 23.39 -46.92
N LYS D 109 4.13 22.09 -47.24
CA LYS D 109 3.12 21.61 -48.18
C LYS D 109 1.72 21.93 -47.68
N CYS D 110 1.46 21.72 -46.39
CA CYS D 110 0.12 21.88 -45.86
C CYS D 110 -0.34 23.33 -45.92
N ILE D 111 0.55 24.27 -45.59
CA ILE D 111 0.21 25.68 -45.65
C ILE D 111 -0.12 26.09 -47.08
N ASP D 112 0.74 25.71 -48.03
CA ASP D 112 0.56 26.09 -49.43
C ASP D 112 -0.71 25.51 -50.04
N GLU D 113 -1.22 24.42 -49.51
CA GLU D 113 -2.52 23.90 -49.94
C GLU D 113 -3.68 24.39 -49.08
N GLY D 114 -3.41 25.22 -48.07
CA GLY D 114 -4.41 25.67 -47.13
C GLY D 114 -5.18 24.56 -46.46
N ILE D 115 -4.44 23.61 -45.86
CA ILE D 115 -5.03 22.48 -45.13
C ILE D 115 -4.42 22.37 -43.74
N GLU D 116 -5.14 21.64 -42.88
CA GLU D 116 -4.67 21.30 -41.54
C GLU D 116 -3.30 20.66 -41.61
N PHE D 117 -2.47 20.91 -40.60
CA PHE D 117 -1.27 20.12 -40.42
C PHE D 117 -1.19 19.53 -39.02
N GLN D 118 -0.68 18.31 -38.92
CA GLN D 118 -0.59 17.61 -37.65
C GLN D 118 0.68 16.78 -37.64
N GLY D 119 1.59 17.07 -36.70
CA GLY D 119 2.90 16.43 -36.72
C GLY D 119 3.78 16.86 -35.54
N GLU D 120 4.92 16.19 -35.43
CA GLU D 120 5.86 16.34 -34.32
C GLU D 120 7.21 16.74 -34.88
N LEU D 121 7.87 17.71 -34.25
CA LEU D 121 9.19 18.11 -34.71
C LEU D 121 9.97 18.75 -33.58
N LEU D 122 11.30 18.75 -33.72
CA LEU D 122 12.17 19.35 -32.72
C LEU D 122 12.06 20.85 -32.76
N ASN D 123 12.22 21.46 -31.58
CA ASN D 123 12.15 22.88 -31.40
C ASN D 123 13.00 23.19 -30.18
N PHE D 124 13.33 24.46 -30.00
CA PHE D 124 14.27 24.81 -28.95
C PHE D 124 13.79 26.02 -28.21
N ARG D 125 13.93 25.96 -26.90
CA ARG D 125 13.70 27.12 -26.07
C ARG D 125 14.73 28.20 -26.38
N LYS D 126 14.47 29.40 -25.86
CA LYS D 126 15.47 30.45 -25.95
C LYS D 126 16.76 30.00 -25.27
N ASP D 127 16.64 29.32 -24.13
CA ASP D 127 17.82 28.93 -23.35
C ASP D 127 18.49 27.68 -23.88
N GLY D 128 18.12 27.25 -25.10
CA GLY D 128 18.79 26.17 -25.79
C GLY D 128 18.15 24.81 -25.62
N SER D 129 17.36 24.62 -24.57
CA SER D 129 16.78 23.33 -24.27
C SER D 129 16.00 22.77 -25.46
N PRO D 130 16.01 21.48 -25.66
CA PRO D 130 15.24 20.89 -26.74
C PRO D 130 13.85 20.47 -26.28
N LEU D 131 12.88 20.69 -27.17
CA LEU D 131 11.51 20.29 -26.95
C LEU D 131 11.01 19.56 -28.18
N MET D 132 10.41 18.41 -27.98
CA MET D 132 9.64 17.83 -29.07
C MET D 132 8.26 18.48 -29.10
N ASN D 133 7.93 19.13 -30.21
CA ASN D 133 6.69 19.88 -30.35
C ASN D 133 5.70 19.08 -31.18
N ARG D 134 4.65 18.58 -30.54
CA ARG D 134 3.49 18.07 -31.27
C ARG D 134 2.63 19.27 -31.63
N LEU D 135 2.70 19.65 -32.90
CA LEU D 135 2.12 20.87 -33.43
C LEU D 135 0.88 20.56 -34.25
N ARG D 136 -0.19 21.34 -34.05
CA ARG D 136 -1.34 21.26 -34.92
C ARG D 136 -1.59 22.64 -35.50
N LEU D 137 -1.72 22.72 -36.82
CA LEU D 137 -2.00 23.98 -37.51
C LEU D 137 -3.36 23.88 -38.17
N THR D 138 -4.29 24.75 -37.76
CA THR D 138 -5.57 24.81 -38.45
C THR D 138 -5.72 26.20 -39.07
N PRO D 139 -5.99 26.29 -40.36
CA PRO D 139 -6.19 27.61 -40.96
C PRO D 139 -7.60 28.09 -40.76
N ILE D 140 -7.73 29.43 -40.66
CA ILE D 140 -8.98 30.12 -40.41
C ILE D 140 -9.34 30.96 -41.63
N TYR D 141 -10.62 30.90 -42.04
CA TYR D 141 -11.10 31.67 -43.17
C TYR D 141 -11.66 33.04 -42.76
N GLY D 142 -11.49 34.01 -43.66
CA GLY D 142 -12.08 35.32 -43.52
C GLY D 142 -13.38 35.42 -44.30
N ASP D 143 -13.85 36.65 -44.46
CA ASP D 143 -15.19 36.84 -45.01
C ASP D 143 -15.25 36.71 -46.54
N ASP D 144 -14.20 36.24 -47.20
CA ASP D 144 -14.20 36.17 -48.64
C ASP D 144 -13.68 34.82 -49.12
N ASP D 145 -14.03 33.75 -48.39
CA ASP D 145 -13.61 32.40 -48.75
C ASP D 145 -12.12 32.34 -49.02
N THR D 146 -11.37 32.98 -48.13
CA THR D 146 -9.93 33.07 -48.22
C THR D 146 -9.38 32.87 -46.81
N ILE D 147 -8.20 32.26 -46.71
CA ILE D 147 -7.58 31.96 -45.42
C ILE D 147 -6.84 33.20 -44.97
N THR D 148 -7.28 33.78 -43.85
CA THR D 148 -6.72 35.05 -43.39
C THR D 148 -5.80 34.90 -42.19
N HIS D 149 -5.93 33.81 -41.45
CA HIS D 149 -5.11 33.57 -40.28
C HIS D 149 -4.85 32.08 -40.20
N ILE D 150 -3.82 31.72 -39.44
CA ILE D 150 -3.59 30.33 -39.08
C ILE D 150 -3.36 30.22 -37.59
N ILE D 151 -4.03 29.24 -36.96
CA ILE D 151 -3.82 28.93 -35.55
C ILE D 151 -2.82 27.79 -35.45
N GLY D 152 -1.87 27.93 -34.55
CA GLY D 152 -0.99 26.83 -34.22
C GLY D 152 -1.07 26.51 -32.74
N ILE D 153 -1.45 25.27 -32.42
CA ILE D 153 -1.44 24.77 -31.06
C ILE D 153 -0.19 23.94 -30.89
N GLN D 154 0.61 24.28 -29.89
CA GLN D 154 1.84 23.59 -29.57
C GLN D 154 1.64 22.75 -28.32
N PHE D 155 2.11 21.50 -28.38
CA PHE D 155 2.32 20.68 -27.19
C PHE D 155 3.81 20.35 -27.10
N PHE D 156 4.50 20.97 -26.13
CA PHE D 156 5.96 20.87 -26.01
C PHE D 156 6.32 19.81 -25.00
N ILE D 157 6.88 18.72 -25.48
CA ILE D 157 7.28 17.60 -24.64
C ILE D 157 8.79 17.64 -24.44
N GLU D 158 9.22 17.35 -23.21
CA GLU D 158 10.64 17.30 -22.94
C GLU D 158 11.25 16.09 -23.65
N THR D 159 12.49 16.25 -24.11
CA THR D 159 13.17 15.17 -24.82
C THR D 159 14.61 15.06 -24.36
N ASP D 160 15.08 13.82 -24.28
CA ASP D 160 16.45 13.49 -23.85
C ASP D 160 17.38 13.37 -25.04
N ILE D 161 17.02 13.95 -26.17
CA ILE D 161 17.82 13.88 -27.38
C ILE D 161 19.24 14.36 -27.08
N ASP D 162 20.21 13.75 -27.75
CA ASP D 162 21.63 14.09 -27.67
C ASP D 162 21.96 15.03 -28.82
N LEU D 163 22.51 16.19 -28.52
CA LEU D 163 22.63 17.20 -29.58
C LEU D 163 24.03 17.35 -30.13
N GLY D 164 25.07 17.22 -29.29
CA GLY D 164 26.48 17.35 -29.69
C GLY D 164 26.83 18.68 -30.38
N PRO E 35 17.42 16.52 1.88
CA PRO E 35 18.73 15.82 1.80
C PRO E 35 19.02 14.94 3.04
N VAL E 36 19.47 13.71 2.82
CA VAL E 36 19.33 12.64 3.79
C VAL E 36 20.68 12.41 4.47
N GLY E 37 20.86 12.94 5.67
CA GLY E 37 22.11 12.74 6.37
C GLY E 37 21.93 12.58 7.87
N ASN E 38 23.03 12.33 8.53
CA ASN E 38 23.09 12.43 9.97
C ASN E 38 22.22 11.39 10.65
N LEU E 39 22.24 10.19 10.13
CA LEU E 39 21.30 9.18 10.53
C LEU E 39 21.97 8.02 11.27
N LEU E 40 21.15 7.26 11.98
CA LEU E 40 21.64 6.17 12.82
C LEU E 40 22.15 5.01 11.98
N HIS E 41 23.18 4.36 12.47
CA HIS E 41 23.68 3.16 11.83
C HIS E 41 23.01 1.89 12.35
N THR E 42 22.61 1.91 13.62
CA THR E 42 21.97 0.81 14.32
C THR E 42 20.45 1.02 14.40
N ALA E 43 19.81 0.07 15.05
CA ALA E 43 18.45 0.26 15.52
C ALA E 43 18.40 1.26 16.67
N PRO E 44 17.37 2.07 16.74
CA PRO E 44 17.23 3.03 17.83
C PRO E 44 16.63 2.39 19.08
N CYS E 45 17.49 1.91 19.98
CA CYS E 45 17.07 1.25 21.21
C CYS E 45 17.67 1.99 22.38
N SER E 46 16.90 2.13 23.44
CA SER E 46 17.32 2.90 24.60
C SER E 46 17.64 1.95 25.75
N PHE E 47 18.90 1.94 26.20
CA PHE E 47 19.40 1.02 27.22
C PHE E 47 19.77 1.89 28.42
N VAL E 48 19.71 1.29 29.59
CA VAL E 48 20.10 1.87 30.85
C VAL E 48 20.49 0.67 31.68
N VAL E 49 21.48 0.85 32.56
CA VAL E 49 21.88 -0.22 33.47
C VAL E 49 22.05 0.41 34.83
N THR E 50 21.62 -0.30 35.88
CA THR E 50 21.69 0.19 37.26
C THR E 50 22.48 -0.80 38.11
N ASP E 51 23.09 -0.26 39.17
CA ASP E 51 23.70 -1.07 40.23
C ASP E 51 22.62 -1.56 41.20
N ALA E 52 22.31 -2.87 41.14
CA ALA E 52 21.31 -3.41 42.05
C ALA E 52 21.84 -3.56 43.48
N VAL E 53 23.15 -3.65 43.64
CA VAL E 53 23.74 -3.85 44.95
C VAL E 53 23.74 -2.55 45.75
N GLU E 54 24.05 -1.45 45.11
CA GLU E 54 24.12 -0.20 45.82
C GLU E 54 22.72 0.35 46.05
N PRO E 55 22.59 1.31 46.95
CA PRO E 55 21.26 1.77 47.36
C PRO E 55 20.58 2.60 46.27
N ASP E 56 19.33 2.25 46.00
CA ASP E 56 18.41 3.00 45.15
C ASP E 56 18.77 2.95 43.67
N GLN E 57 19.26 1.81 43.19
CA GLN E 57 19.32 1.53 41.76
C GLN E 57 19.91 2.68 40.95
N PRO E 58 21.10 3.18 41.32
CA PRO E 58 21.67 4.28 40.57
C PRO E 58 22.13 3.82 39.19
N ILE E 59 22.01 4.73 38.24
CA ILE E 59 22.40 4.47 36.87
C ILE E 59 23.92 4.43 36.76
N ILE E 60 24.43 3.38 36.14
CA ILE E 60 25.86 3.24 35.90
C ILE E 60 26.23 3.33 34.42
N TYR E 61 25.25 3.24 33.53
CA TYR E 61 25.46 3.31 32.09
C TYR E 61 24.17 3.73 31.41
N VAL E 62 24.26 4.58 30.41
CA VAL E 62 23.15 4.77 29.49
C VAL E 62 23.72 4.84 28.09
N ASN E 63 22.97 4.31 27.15
CA ASN E 63 23.44 4.29 25.78
C ASN E 63 23.14 5.65 25.12
N THR E 64 23.50 5.82 23.87
CA THR E 64 23.37 7.17 23.32
C THR E 64 21.95 7.45 22.87
N VAL E 65 21.21 6.41 22.44
CA VAL E 65 19.81 6.60 22.09
C VAL E 65 19.01 7.16 23.26
N PHE E 66 19.29 6.68 24.47
CA PHE E 66 18.71 7.27 25.65
C PHE E 66 19.00 8.75 25.72
N GLU E 67 20.29 9.13 25.63
CA GLU E 67 20.66 10.54 25.67
C GLU E 67 19.94 11.33 24.58
N MET E 68 19.63 10.68 23.48
CA MET E 68 19.14 11.38 22.31
C MET E 68 17.65 11.59 22.38
N VAL E 69 16.89 10.59 22.86
CA VAL E 69 15.43 10.75 22.96
C VAL E 69 15.06 11.59 24.16
N THR E 70 15.60 11.25 25.32
CA THR E 70 15.18 11.91 26.55
C THR E 70 15.69 13.33 26.64
N GLY E 71 16.79 13.65 25.98
CA GLY E 71 17.42 14.95 26.15
C GLY E 71 18.44 15.04 27.26
N TYR E 72 18.73 13.95 27.97
CA TYR E 72 19.60 13.98 29.13
C TYR E 72 20.96 13.40 28.79
N ARG E 73 22.00 14.06 29.25
CA ARG E 73 23.35 13.66 28.92
C ARG E 73 23.81 12.65 29.96
N ALA E 74 24.64 11.73 29.53
CA ALA E 74 25.13 10.68 30.41
C ALA E 74 25.75 11.22 31.69
N GLU E 75 26.52 12.33 31.62
CA GLU E 75 27.11 12.88 32.84
C GLU E 75 26.04 13.38 33.80
N GLU E 76 24.90 13.83 33.27
CA GLU E 76 23.82 14.40 34.06
C GLU E 76 23.11 13.36 34.92
N VAL E 77 23.00 12.13 34.44
CA VAL E 77 22.12 11.12 35.01
C VAL E 77 22.87 9.99 35.71
N LEU E 78 24.19 9.92 35.59
CA LEU E 78 24.89 8.78 36.17
C LEU E 78 24.92 8.90 37.68
N GLY E 79 24.80 7.75 38.34
CA GLY E 79 24.65 7.75 39.78
C GLY E 79 23.36 8.33 40.29
N ARG E 80 22.36 8.50 39.42
CA ARG E 80 21.03 8.96 39.75
C ARG E 80 20.03 7.83 39.46
N ASN E 81 18.80 7.99 39.92
CA ASN E 81 17.75 6.98 39.76
C ASN E 81 16.86 7.37 38.60
N CYS E 82 16.46 6.39 37.77
CA CYS E 82 15.71 6.80 36.58
C CYS E 82 14.45 7.55 36.91
N ARG E 83 14.00 7.53 38.17
CA ARG E 83 12.72 8.15 38.49
C ARG E 83 12.66 9.58 37.99
N PHE E 84 13.81 10.24 37.81
CA PHE E 84 13.81 11.64 37.36
C PHE E 84 13.02 11.81 36.07
N LEU E 85 12.83 10.72 35.32
CA LEU E 85 12.17 10.79 34.02
C LEU E 85 10.67 11.02 34.18
N GLN E 86 10.15 10.76 35.39
CA GLN E 86 8.75 10.95 35.71
C GLN E 86 8.46 12.37 36.13
N CYS E 87 9.48 13.18 36.42
CA CYS E 87 9.32 14.60 36.65
C CYS E 87 9.40 15.30 35.32
N ARG E 88 8.58 16.33 35.12
CA ARG E 88 8.50 17.04 33.85
C ARG E 88 9.53 18.15 33.83
N GLY E 89 10.70 17.87 33.31
CA GLY E 89 11.72 18.87 33.21
C GLY E 89 12.74 18.65 34.28
N PRO E 90 13.92 19.25 34.10
CA PRO E 90 14.93 19.18 35.16
C PRO E 90 14.58 20.03 36.37
N PHE E 91 13.58 20.89 36.28
CA PHE E 91 13.27 21.82 37.36
C PHE E 91 12.20 21.32 38.31
N ALA E 92 11.33 20.43 37.84
CA ALA E 92 10.37 19.74 38.69
C ALA E 92 11.05 18.78 39.66
N LYS E 93 10.72 18.92 40.96
CA LYS E 93 11.34 18.07 41.97
C LYS E 93 10.52 16.82 42.26
N ARG E 94 9.21 16.84 42.05
CA ARG E 94 8.29 15.76 42.39
C ARG E 94 7.77 15.21 41.04
N ARG E 95 7.34 13.95 41.00
CA ARG E 95 6.79 13.43 39.75
C ARG E 95 5.46 14.09 39.37
N HIS E 96 5.14 14.03 38.09
CA HIS E 96 4.02 14.77 37.56
C HIS E 96 2.70 14.14 37.98
N PRO E 97 1.72 14.94 38.34
CA PRO E 97 0.40 14.41 38.68
C PRO E 97 -0.11 13.26 37.84
N LEU E 98 0.25 13.21 36.58
CA LEU E 98 -0.38 12.31 35.65
C LEU E 98 0.34 10.97 35.42
N VAL E 99 1.53 10.73 35.98
CA VAL E 99 2.05 9.38 35.84
C VAL E 99 1.22 8.49 36.76
N ASP E 100 0.92 7.30 36.27
CA ASP E 100 0.10 6.32 36.97
C ASP E 100 0.81 5.91 38.24
N SER E 101 0.32 6.30 39.41
CA SER E 101 1.07 5.87 40.58
C SER E 101 0.90 4.39 40.84
N MET E 102 -0.03 3.74 40.14
CA MET E 102 -0.19 2.29 40.28
C MET E 102 0.77 1.53 39.40
N VAL E 103 1.16 2.08 38.25
CA VAL E 103 2.22 1.42 37.47
C VAL E 103 3.56 1.59 38.15
N VAL E 104 3.83 2.77 38.71
CA VAL E 104 5.08 2.97 39.41
C VAL E 104 5.23 1.98 40.55
N SER E 105 4.14 1.68 41.25
CA SER E 105 4.23 0.67 42.29
C SER E 105 4.58 -0.69 41.73
N GLU E 106 3.99 -1.07 40.59
CA GLU E 106 4.31 -2.35 39.97
C GLU E 106 5.82 -2.45 39.66
N ILE E 107 6.45 -1.34 39.27
CA ILE E 107 7.90 -1.33 39.05
C ILE E 107 8.61 -1.59 40.34
N ARG E 108 8.33 -0.73 41.33
CA ARG E 108 8.89 -0.89 42.67
C ARG E 108 8.78 -2.34 43.14
N LYS E 109 7.63 -2.96 42.85
CA LYS E 109 7.39 -4.33 43.30
C LYS E 109 8.24 -5.31 42.53
N CYS E 110 8.22 -5.21 41.20
CA CYS E 110 9.03 -6.12 40.40
C CYS E 110 10.49 -6.05 40.81
N ILE E 111 10.99 -4.85 41.10
CA ILE E 111 12.41 -4.73 41.42
C ILE E 111 12.68 -5.45 42.72
N ASP E 112 11.83 -5.21 43.73
CA ASP E 112 11.95 -5.81 45.05
C ASP E 112 11.90 -7.32 44.98
N GLU E 113 10.85 -7.86 44.38
CA GLU E 113 10.78 -9.30 44.19
C GLU E 113 11.80 -9.86 43.18
N GLY E 114 12.67 -9.05 42.59
CA GLY E 114 13.74 -9.52 41.72
C GLY E 114 13.29 -10.22 40.44
N ILE E 115 12.33 -9.61 39.73
CA ILE E 115 11.73 -10.15 38.52
C ILE E 115 11.51 -9.08 37.45
N GLU E 116 11.24 -9.54 36.23
CA GLU E 116 11.05 -8.63 35.11
C GLU E 116 9.88 -7.70 35.35
N PHE E 117 10.00 -6.46 34.89
CA PHE E 117 8.87 -5.55 34.74
C PHE E 117 8.56 -5.31 33.26
N GLN E 118 7.28 -5.23 32.91
CA GLN E 118 6.88 -4.72 31.60
C GLN E 118 5.70 -3.80 31.79
N GLY E 119 5.87 -2.54 31.55
CA GLY E 119 4.72 -1.65 31.46
C GLY E 119 4.90 -0.52 30.52
N GLU E 120 4.20 0.57 30.84
CA GLU E 120 4.11 1.79 30.05
C GLU E 120 3.72 2.88 31.02
N LEU E 121 4.55 3.92 31.16
CA LEU E 121 4.24 5.02 32.05
C LEU E 121 4.66 6.34 31.42
N LEU E 122 4.02 7.44 31.84
CA LEU E 122 4.47 8.75 31.38
C LEU E 122 5.91 9.01 31.79
N ASN E 123 6.73 9.44 30.83
CA ASN E 123 7.98 10.11 31.14
C ASN E 123 8.00 11.45 30.43
N PHE E 124 9.07 12.21 30.65
CA PHE E 124 9.25 13.52 30.05
C PHE E 124 10.68 13.68 29.58
N ARG E 125 10.81 14.30 28.39
CA ARG E 125 12.10 14.78 27.93
C ARG E 125 12.55 15.95 28.81
N LYS E 126 13.85 16.17 28.85
CA LYS E 126 14.38 17.36 29.51
C LYS E 126 13.72 18.64 29.00
N ASP E 127 13.31 18.68 27.75
CA ASP E 127 12.65 19.87 27.24
C ASP E 127 11.19 19.95 27.65
N GLY E 128 10.79 19.08 28.57
CA GLY E 128 9.42 19.06 29.06
C GLY E 128 8.42 18.23 28.29
N SER E 129 8.71 17.76 27.08
CA SER E 129 7.67 17.11 26.30
C SER E 129 7.36 15.71 26.84
N PRO E 130 6.11 15.31 26.75
CA PRO E 130 5.71 14.02 27.30
C PRO E 130 5.97 12.88 26.35
N LEU E 131 6.44 11.78 26.91
CA LEU E 131 6.61 10.54 26.20
C LEU E 131 6.00 9.41 27.00
N MET E 132 5.32 8.51 26.31
CA MET E 132 4.89 7.25 26.89
C MET E 132 6.01 6.23 26.70
N ASN E 133 6.61 5.80 27.79
CA ASN E 133 7.77 4.92 27.82
C ASN E 133 7.27 3.49 28.06
N ARG E 134 7.28 2.67 27.02
CA ARG E 134 7.08 1.23 27.20
C ARG E 134 8.36 0.65 27.74
N LEU E 135 8.42 0.48 29.06
CA LEU E 135 9.61 0.11 29.79
C LEU E 135 9.69 -1.40 29.96
N ARG E 136 10.90 -1.94 30.05
CA ARG E 136 11.09 -3.36 30.30
C ARG E 136 12.33 -3.46 31.18
N LEU E 137 12.16 -3.89 32.43
CA LEU E 137 13.31 -4.02 33.33
C LEU E 137 13.70 -5.47 33.41
N THR E 138 14.98 -5.74 33.29
CA THR E 138 15.47 -7.11 33.31
C THR E 138 16.57 -7.17 34.36
N PRO E 139 16.46 -8.01 35.36
CA PRO E 139 17.54 -8.16 36.33
C PRO E 139 18.54 -9.20 35.86
N ILE E 140 19.80 -8.96 36.23
CA ILE E 140 20.94 -9.74 35.78
C ILE E 140 21.67 -10.28 36.99
N TYR E 141 21.90 -11.59 37.01
CA TYR E 141 22.49 -12.23 38.15
C TYR E 141 24.02 -12.23 38.08
N GLY E 142 24.65 -11.77 39.16
CA GLY E 142 26.07 -11.91 39.39
C GLY E 142 26.48 -13.36 39.56
N ASP E 143 27.77 -13.54 39.85
CA ASP E 143 28.28 -14.88 40.12
C ASP E 143 28.02 -15.32 41.55
N ASP E 144 27.67 -14.38 42.42
CA ASP E 144 27.26 -14.63 43.80
C ASP E 144 25.87 -15.24 43.92
N ASP E 145 25.20 -15.50 42.81
CA ASP E 145 23.78 -15.84 42.75
C ASP E 145 22.87 -14.83 43.48
N THR E 146 23.27 -13.57 43.49
CA THR E 146 22.40 -12.45 43.81
C THR E 146 22.24 -11.57 42.56
N ILE E 147 21.26 -10.69 42.57
CA ILE E 147 21.09 -9.76 41.45
C ILE E 147 22.07 -8.61 41.66
N THR E 148 22.88 -8.31 40.62
CA THR E 148 23.91 -7.28 40.68
C THR E 148 23.63 -6.07 39.81
N HIS E 149 22.82 -6.24 38.75
CA HIS E 149 22.54 -5.20 37.78
C HIS E 149 21.12 -5.36 37.28
N ILE E 150 20.52 -4.24 36.86
CA ILE E 150 19.27 -4.28 36.13
C ILE E 150 19.43 -3.51 34.82
N ILE E 151 18.98 -4.12 33.74
CA ILE E 151 18.98 -3.55 32.41
C ILE E 151 17.59 -3.01 32.12
N GLY E 152 17.50 -1.72 31.85
CA GLY E 152 16.24 -1.09 31.47
C GLY E 152 16.22 -0.72 29.99
N ILE E 153 15.12 -1.08 29.32
CA ILE E 153 14.96 -0.89 27.90
C ILE E 153 13.73 -0.03 27.69
N GLN E 154 13.95 1.28 27.53
CA GLN E 154 12.89 2.20 27.17
C GLN E 154 12.53 2.12 25.70
N PHE E 155 11.25 2.24 25.39
CA PHE E 155 10.78 2.49 24.02
C PHE E 155 9.81 3.67 24.08
N PHE E 156 10.33 4.88 23.91
CA PHE E 156 9.52 6.08 24.14
C PHE E 156 8.62 6.42 22.95
N ILE E 157 7.38 6.77 23.23
CA ILE E 157 6.39 7.06 22.20
C ILE E 157 5.79 8.44 22.35
N GLU E 158 5.51 9.10 21.23
CA GLU E 158 4.94 10.43 21.33
C GLU E 158 3.52 10.26 21.83
N THR E 159 3.07 11.20 22.64
CA THR E 159 1.72 11.14 23.14
C THR E 159 1.12 12.53 23.18
N ASP E 160 -0.09 12.68 22.64
CA ASP E 160 -0.76 13.98 22.65
C ASP E 160 -1.61 14.19 23.91
N ILE E 161 -1.17 13.59 25.00
CA ILE E 161 -1.77 13.73 26.33
C ILE E 161 -1.91 15.21 26.64
N ASP E 162 -2.89 15.54 27.49
CA ASP E 162 -3.14 16.90 27.94
C ASP E 162 -2.66 17.06 29.37
N LEU E 163 -1.70 17.94 29.58
CA LEU E 163 -1.06 18.08 30.88
C LEU E 163 -1.50 19.33 31.65
N GLY E 164 -2.40 20.15 31.09
CA GLY E 164 -3.02 21.27 31.80
C GLY E 164 -2.27 22.60 31.90
N PRO F 33 -1.74 -8.55 -2.90
CA PRO F 33 -2.67 -9.45 -2.18
C PRO F 33 -2.76 -10.87 -2.78
N TYR F 34 -3.53 -11.03 -3.89
CA TYR F 34 -3.52 -12.25 -4.68
C TYR F 34 -3.06 -11.97 -6.10
N PRO F 35 -2.89 -12.99 -6.95
CA PRO F 35 -2.36 -12.77 -8.29
C PRO F 35 -3.42 -12.19 -9.24
N VAL F 36 -2.93 -11.72 -10.38
CA VAL F 36 -3.68 -10.88 -11.30
C VAL F 36 -4.09 -11.69 -12.51
N GLY F 37 -5.39 -11.87 -12.71
CA GLY F 37 -5.85 -12.57 -13.91
C GLY F 37 -7.30 -12.38 -14.32
N ASN F 38 -7.70 -13.13 -15.33
CA ASN F 38 -9.06 -13.03 -15.82
C ASN F 38 -9.40 -11.59 -16.21
N LEU F 39 -8.44 -10.91 -16.84
CA LEU F 39 -8.58 -9.51 -17.19
C LEU F 39 -9.21 -9.32 -18.56
N LEU F 40 -9.92 -8.21 -18.70
CA LEU F 40 -10.33 -7.79 -20.01
C LEU F 40 -9.12 -7.42 -20.86
N HIS F 41 -9.27 -7.62 -22.16
CA HIS F 41 -8.22 -7.28 -23.09
C HIS F 41 -8.44 -5.94 -23.80
N THR F 42 -9.67 -5.46 -23.89
CA THR F 42 -10.00 -4.13 -24.39
C THR F 42 -10.67 -3.33 -23.27
N ALA F 43 -10.77 -2.01 -23.45
CA ALA F 43 -11.37 -1.18 -22.41
C ALA F 43 -12.82 -1.58 -22.16
N PRO F 44 -13.30 -1.43 -20.92
CA PRO F 44 -14.62 -1.99 -20.57
C PRO F 44 -15.67 -1.02 -21.07
N CYS F 45 -16.38 -1.44 -22.08
CA CYS F 45 -17.17 -0.48 -22.83
C CYS F 45 -18.46 -1.14 -23.27
N SER F 46 -19.58 -0.70 -22.73
CA SER F 46 -20.81 -1.47 -22.82
C SER F 46 -21.74 -0.95 -23.88
N PHE F 47 -22.32 -1.83 -24.69
CA PHE F 47 -23.38 -1.29 -25.51
C PHE F 47 -24.30 -2.33 -26.09
N VAL F 48 -25.30 -1.82 -26.81
CA VAL F 48 -26.54 -2.52 -27.14
C VAL F 48 -26.93 -2.03 -28.53
N VAL F 49 -27.74 -2.82 -29.24
CA VAL F 49 -28.28 -2.39 -30.53
C VAL F 49 -29.73 -2.82 -30.61
N THR F 50 -30.59 -1.99 -31.23
CA THR F 50 -32.00 -2.27 -31.35
C THR F 50 -32.45 -2.19 -32.80
N ASP F 51 -33.61 -2.83 -33.07
CA ASP F 51 -34.29 -2.75 -34.36
C ASP F 51 -35.21 -1.54 -34.34
N ALA F 52 -34.88 -0.50 -35.11
CA ALA F 52 -35.75 0.66 -35.15
C ALA F 52 -37.03 0.40 -35.93
N VAL F 53 -37.04 -0.62 -36.80
CA VAL F 53 -38.19 -0.88 -37.67
C VAL F 53 -39.29 -1.62 -36.92
N GLU F 54 -38.94 -2.69 -36.24
CA GLU F 54 -39.92 -3.42 -35.47
C GLU F 54 -40.51 -2.53 -34.39
N PRO F 55 -41.69 -2.88 -33.88
CA PRO F 55 -42.32 -2.05 -32.84
C PRO F 55 -41.56 -2.09 -31.52
N ASP F 56 -41.26 -0.91 -30.99
CA ASP F 56 -40.70 -0.75 -29.65
C ASP F 56 -39.23 -1.14 -29.53
N GLN F 57 -38.40 -0.84 -30.55
CA GLN F 57 -36.96 -0.88 -30.36
C GLN F 57 -36.53 -2.08 -29.51
N PRO F 58 -36.66 -3.30 -30.02
CA PRO F 58 -36.21 -4.45 -29.23
C PRO F 58 -34.74 -4.68 -29.49
N ILE F 59 -34.08 -5.26 -28.47
CA ILE F 59 -32.65 -5.55 -28.56
C ILE F 59 -32.40 -6.66 -29.57
N ILE F 60 -31.44 -6.42 -30.45
CA ILE F 60 -30.96 -7.44 -31.36
C ILE F 60 -29.51 -7.80 -31.08
N TYR F 61 -28.85 -7.06 -30.20
CA TYR F 61 -27.47 -7.32 -29.88
C TYR F 61 -27.12 -6.66 -28.57
N VAL F 62 -26.44 -7.38 -27.71
CA VAL F 62 -25.69 -6.77 -26.63
C VAL F 62 -24.28 -7.34 -26.75
N ASN F 63 -23.32 -6.63 -26.19
CA ASN F 63 -21.94 -7.13 -26.16
C ASN F 63 -21.72 -7.78 -24.81
N THR F 64 -20.49 -8.27 -24.62
CA THR F 64 -20.28 -9.04 -23.40
C THR F 64 -20.12 -8.13 -22.20
N VAL F 65 -19.48 -6.96 -22.36
CA VAL F 65 -19.41 -5.97 -21.27
C VAL F 65 -20.78 -5.63 -20.70
N PHE F 66 -21.78 -5.47 -21.57
CA PHE F 66 -23.13 -5.25 -21.10
C PHE F 66 -23.56 -6.39 -20.21
N GLU F 67 -23.49 -7.60 -20.76
CA GLU F 67 -23.77 -8.82 -19.99
C GLU F 67 -23.04 -8.80 -18.65
N MET F 68 -21.82 -8.32 -18.66
CA MET F 68 -20.99 -8.51 -17.48
C MET F 68 -21.32 -7.51 -16.38
N VAL F 69 -21.60 -6.26 -16.75
CA VAL F 69 -21.94 -5.22 -15.76
C VAL F 69 -23.37 -5.39 -15.26
N THR F 70 -24.33 -5.39 -16.18
CA THR F 70 -25.72 -5.45 -15.78
C THR F 70 -26.09 -6.75 -15.12
N GLY F 71 -25.36 -7.83 -15.39
CA GLY F 71 -25.72 -9.14 -14.90
C GLY F 71 -26.77 -9.88 -15.70
N TYR F 72 -27.23 -9.33 -16.82
CA TYR F 72 -28.22 -9.98 -17.66
C TYR F 72 -27.51 -10.67 -18.80
N ARG F 73 -27.89 -11.91 -19.08
CA ARG F 73 -27.25 -12.67 -20.14
C ARG F 73 -27.92 -12.33 -21.46
N ALA F 74 -27.15 -12.33 -22.53
CA ALA F 74 -27.72 -11.96 -23.80
C ALA F 74 -28.99 -12.73 -24.17
N GLU F 75 -29.14 -13.98 -23.73
CA GLU F 75 -30.38 -14.68 -24.09
C GLU F 75 -31.57 -14.08 -23.37
N GLU F 76 -31.38 -13.67 -22.11
CA GLU F 76 -32.46 -13.08 -21.33
C GLU F 76 -33.02 -11.84 -22.00
N VAL F 77 -32.16 -11.02 -22.62
CA VAL F 77 -32.54 -9.68 -23.01
C VAL F 77 -32.75 -9.51 -24.49
N LEU F 78 -32.35 -10.45 -25.33
CA LEU F 78 -32.63 -10.25 -26.75
C LEU F 78 -34.14 -10.20 -26.99
N GLY F 79 -34.53 -9.36 -27.95
CA GLY F 79 -35.92 -9.13 -28.29
C GLY F 79 -36.74 -8.32 -27.31
N ARG F 80 -36.22 -8.01 -26.12
CA ARG F 80 -36.85 -7.14 -25.13
C ARG F 80 -36.49 -5.67 -25.40
N ASN F 81 -37.00 -4.77 -24.55
CA ASN F 81 -36.72 -3.33 -24.56
C ASN F 81 -35.92 -2.96 -23.32
N CYS F 82 -34.88 -2.14 -23.50
CA CYS F 82 -33.96 -1.92 -22.39
C CYS F 82 -34.62 -1.25 -21.19
N ARG F 83 -35.88 -0.83 -21.27
CA ARG F 83 -36.51 -0.25 -20.09
C ARG F 83 -36.41 -1.17 -18.87
N PHE F 84 -36.17 -2.47 -19.07
CA PHE F 84 -36.18 -3.39 -17.94
C PHE F 84 -35.11 -3.01 -16.95
N LEU F 85 -34.12 -2.23 -17.42
CA LEU F 85 -32.97 -1.85 -16.61
C LEU F 85 -33.33 -0.79 -15.58
N GLN F 86 -34.51 -0.17 -15.76
CA GLN F 86 -35.06 0.81 -14.84
C GLN F 86 -35.88 0.16 -13.74
N CYS F 87 -36.29 -1.09 -13.92
CA CYS F 87 -36.85 -1.85 -12.82
C CYS F 87 -35.71 -2.48 -12.05
N ARG F 88 -35.95 -2.70 -10.78
CA ARG F 88 -34.92 -3.18 -9.88
C ARG F 88 -35.08 -4.68 -9.68
N GLY F 89 -34.20 -5.46 -10.30
CA GLY F 89 -34.36 -6.89 -10.31
C GLY F 89 -35.21 -7.34 -11.48
N PRO F 90 -35.05 -8.61 -11.87
CA PRO F 90 -35.92 -9.19 -12.90
C PRO F 90 -37.34 -9.39 -12.42
N PHE F 91 -37.54 -9.38 -11.10
CA PHE F 91 -38.84 -9.64 -10.47
C PHE F 91 -39.70 -8.39 -10.38
N ALA F 92 -39.12 -7.26 -9.94
CA ALA F 92 -39.79 -5.96 -9.97
C ALA F 92 -40.56 -5.75 -11.26
N LYS F 93 -41.88 -5.53 -11.11
CA LYS F 93 -42.77 -5.44 -12.27
C LYS F 93 -42.79 -4.03 -12.85
N ARG F 94 -42.76 -3.01 -11.99
CA ARG F 94 -42.79 -1.60 -12.37
C ARG F 94 -41.41 -0.95 -12.23
N ARG F 95 -41.14 0.01 -13.14
CA ARG F 95 -39.93 0.82 -13.02
C ARG F 95 -39.81 1.47 -11.63
N HIS F 96 -38.59 1.68 -11.21
CA HIS F 96 -38.40 2.13 -9.83
C HIS F 96 -38.81 3.58 -9.65
N PRO F 97 -39.37 3.91 -8.48
CA PRO F 97 -39.74 5.30 -8.21
C PRO F 97 -38.62 6.29 -8.43
N LEU F 98 -37.44 6.00 -7.89
CA LEU F 98 -36.32 6.94 -7.91
C LEU F 98 -35.71 7.18 -9.28
N VAL F 99 -36.21 6.71 -10.39
CA VAL F 99 -35.57 7.00 -11.65
C VAL F 99 -36.31 8.16 -12.25
N ASP F 100 -35.56 9.09 -12.77
CA ASP F 100 -36.07 10.38 -13.22
C ASP F 100 -36.94 10.22 -14.45
N SER F 101 -38.25 10.21 -14.24
CA SER F 101 -39.15 10.07 -15.38
C SER F 101 -38.97 11.21 -16.38
N MET F 102 -38.36 12.31 -15.96
CA MET F 102 -38.08 13.38 -16.89
C MET F 102 -37.04 12.96 -17.91
N VAL F 103 -36.00 12.25 -17.42
CA VAL F 103 -34.95 11.78 -18.31
C VAL F 103 -35.48 10.68 -19.19
N VAL F 104 -36.26 9.77 -18.61
CA VAL F 104 -36.92 8.74 -19.42
C VAL F 104 -37.68 9.40 -20.56
N SER F 105 -38.38 10.48 -20.26
CA SER F 105 -39.21 11.11 -21.27
C SER F 105 -38.37 11.74 -22.39
N GLU F 106 -37.23 12.35 -22.05
CA GLU F 106 -36.33 12.86 -23.08
C GLU F 106 -35.87 11.73 -24.02
N ILE F 107 -35.79 10.49 -23.50
CA ILE F 107 -35.37 9.38 -24.33
C ILE F 107 -36.48 9.01 -25.32
N ARG F 108 -37.74 8.89 -24.82
CA ARG F 108 -38.85 8.67 -25.75
C ARG F 108 -38.81 9.73 -26.85
N LYS F 109 -38.51 10.97 -26.47
CA LYS F 109 -38.51 12.00 -27.50
C LYS F 109 -37.41 11.77 -28.52
N CYS F 110 -36.17 11.64 -28.05
CA CYS F 110 -35.09 11.55 -29.02
C CYS F 110 -35.31 10.38 -29.97
N ILE F 111 -35.89 9.28 -29.46
CA ILE F 111 -36.12 8.10 -30.30
C ILE F 111 -37.16 8.44 -31.34
N ASP F 112 -38.36 8.84 -30.88
CA ASP F 112 -39.46 9.23 -31.75
C ASP F 112 -39.01 10.25 -32.80
N GLU F 113 -38.20 11.23 -32.39
CA GLU F 113 -37.70 12.21 -33.35
C GLU F 113 -36.47 11.74 -34.12
N GLY F 114 -35.94 10.56 -33.85
CA GLY F 114 -34.79 10.07 -34.63
C GLY F 114 -33.53 10.91 -34.48
N ILE F 115 -33.27 11.36 -33.25
CA ILE F 115 -32.14 12.21 -32.90
C ILE F 115 -31.37 11.54 -31.78
N GLU F 116 -30.10 11.95 -31.62
CA GLU F 116 -29.27 11.30 -30.61
C GLU F 116 -29.76 11.69 -29.21
N PHE F 117 -29.51 10.80 -28.27
CA PHE F 117 -29.75 11.07 -26.87
C PHE F 117 -28.44 11.07 -26.09
N GLN F 118 -28.47 11.72 -24.94
CA GLN F 118 -27.28 11.93 -24.15
C GLN F 118 -27.77 12.30 -22.76
N GLY F 119 -27.66 11.38 -21.81
CA GLY F 119 -28.15 11.65 -20.48
C GLY F 119 -27.67 10.65 -19.46
N GLU F 120 -28.28 10.71 -18.28
CA GLU F 120 -27.92 9.88 -17.14
C GLU F 120 -29.17 9.49 -16.35
N LEU F 121 -29.32 8.19 -16.07
CA LEU F 121 -30.54 7.68 -15.46
C LEU F 121 -30.23 6.45 -14.63
N LEU F 122 -31.08 6.18 -13.64
CA LEU F 122 -30.85 5.04 -12.76
C LEU F 122 -31.15 3.74 -13.46
N ASN F 123 -30.22 2.82 -13.40
CA ASN F 123 -30.47 1.46 -13.84
C ASN F 123 -30.16 0.55 -12.68
N PHE F 124 -30.46 -0.72 -12.90
CA PHE F 124 -30.26 -1.72 -11.88
C PHE F 124 -29.73 -2.96 -12.55
N ARG F 125 -28.67 -3.49 -11.94
CA ARG F 125 -28.22 -4.83 -12.21
C ARG F 125 -29.34 -5.82 -11.92
N LYS F 126 -29.22 -7.02 -12.50
CA LYS F 126 -30.14 -8.10 -12.18
C LYS F 126 -30.02 -8.44 -10.71
N ASP F 127 -28.85 -8.31 -10.13
CA ASP F 127 -28.74 -8.56 -8.70
C ASP F 127 -29.29 -7.43 -7.85
N GLY F 128 -29.88 -6.41 -8.46
CA GLY F 128 -30.55 -5.36 -7.73
C GLY F 128 -29.70 -4.17 -7.32
N SER F 129 -28.39 -4.20 -7.49
CA SER F 129 -27.63 -3.02 -7.15
C SER F 129 -27.90 -1.88 -8.14
N PRO F 130 -27.75 -0.64 -7.70
CA PRO F 130 -28.09 0.48 -8.56
C PRO F 130 -26.90 0.99 -9.29
N LEU F 131 -27.13 1.41 -10.51
CA LEU F 131 -26.08 1.95 -11.34
C LEU F 131 -26.58 3.24 -11.96
N MET F 132 -25.73 4.23 -11.94
CA MET F 132 -26.00 5.48 -12.62
C MET F 132 -25.51 5.31 -14.04
N ASN F 133 -26.40 5.37 -15.00
CA ASN F 133 -26.09 4.93 -16.35
C ASN F 133 -26.01 6.15 -17.24
N ARG F 134 -24.80 6.61 -17.44
CA ARG F 134 -24.51 7.60 -18.43
C ARG F 134 -24.71 7.10 -19.85
N LEU F 135 -25.90 7.31 -20.42
CA LEU F 135 -26.33 6.61 -21.62
C LEU F 135 -26.18 7.50 -22.86
N ARG F 136 -26.08 6.88 -24.03
CA ARG F 136 -25.87 7.63 -25.26
C ARG F 136 -26.46 6.85 -26.42
N LEU F 137 -27.60 7.27 -26.95
CA LEU F 137 -28.23 6.61 -28.09
C LEU F 137 -27.86 7.37 -29.35
N THR F 138 -27.37 6.67 -30.38
CA THR F 138 -27.18 7.35 -31.65
C THR F 138 -27.86 6.47 -32.71
N PRO F 139 -28.69 7.04 -33.54
CA PRO F 139 -29.44 6.21 -34.49
C PRO F 139 -28.75 6.13 -35.82
N ILE F 140 -29.04 5.05 -36.53
CA ILE F 140 -28.30 4.64 -37.71
C ILE F 140 -29.27 4.59 -38.88
N TYR F 141 -28.83 5.17 -40.00
CA TYR F 141 -29.67 5.29 -41.18
C TYR F 141 -29.45 4.12 -42.11
N GLY F 142 -30.56 3.53 -42.54
CA GLY F 142 -30.57 2.52 -43.55
C GLY F 142 -30.32 3.15 -44.91
N ASP F 143 -30.55 2.31 -45.91
CA ASP F 143 -30.35 2.72 -47.30
C ASP F 143 -31.59 3.41 -47.85
N ASP F 144 -32.75 3.24 -47.20
CA ASP F 144 -33.95 3.98 -47.57
C ASP F 144 -34.04 5.37 -46.91
N ASP F 145 -32.90 5.95 -46.51
CA ASP F 145 -32.85 7.24 -45.76
C ASP F 145 -33.93 7.27 -44.68
N THR F 146 -33.88 6.24 -43.84
CA THR F 146 -34.84 5.91 -42.80
C THR F 146 -34.04 5.18 -41.72
N ILE F 147 -34.41 5.39 -40.46
CA ILE F 147 -33.63 4.81 -39.37
C ILE F 147 -33.99 3.35 -39.19
N THR F 148 -32.97 2.49 -39.14
CA THR F 148 -33.14 1.05 -39.04
C THR F 148 -32.65 0.46 -37.74
N HIS F 149 -31.59 1.02 -37.13
CA HIS F 149 -31.11 0.57 -35.84
C HIS F 149 -30.71 1.75 -34.96
N ILE F 150 -30.69 1.51 -33.67
CA ILE F 150 -30.17 2.47 -32.71
C ILE F 150 -29.07 1.76 -31.91
N ILE F 151 -27.88 2.35 -31.91
CA ILE F 151 -26.81 1.94 -31.03
C ILE F 151 -26.93 2.66 -29.70
N GLY F 152 -26.65 1.96 -28.61
CA GLY F 152 -26.76 2.60 -27.33
C GLY F 152 -25.58 2.28 -26.42
N ILE F 153 -24.63 3.20 -26.29
CA ILE F 153 -23.48 3.02 -25.42
C ILE F 153 -23.86 3.32 -23.97
N GLN F 154 -23.66 2.35 -23.08
CA GLN F 154 -23.80 2.59 -21.65
C GLN F 154 -22.46 2.83 -20.97
N PHE F 155 -22.52 3.67 -19.93
CA PHE F 155 -21.40 3.87 -19.00
C PHE F 155 -21.99 3.83 -17.60
N PHE F 156 -21.84 2.69 -16.92
CA PHE F 156 -22.50 2.44 -15.64
C PHE F 156 -21.59 2.82 -14.49
N ILE F 157 -22.09 3.67 -13.58
CA ILE F 157 -21.30 4.11 -12.45
C ILE F 157 -21.91 3.63 -11.15
N GLU F 158 -21.05 3.25 -10.21
CA GLU F 158 -21.57 2.85 -8.92
C GLU F 158 -22.14 4.09 -8.28
N THR F 159 -23.22 3.92 -7.52
CA THR F 159 -23.94 5.01 -6.89
C THR F 159 -24.46 4.56 -5.54
N ASP F 160 -24.33 5.44 -4.55
CA ASP F 160 -24.68 5.13 -3.17
C ASP F 160 -26.08 5.63 -2.79
N ILE F 161 -26.85 6.09 -3.77
CA ILE F 161 -28.24 6.49 -3.58
C ILE F 161 -28.95 5.56 -2.60
N ASP F 162 -29.84 6.14 -1.78
CA ASP F 162 -30.65 5.39 -0.81
C ASP F 162 -31.97 5.02 -1.47
N LEU F 163 -32.27 3.71 -1.51
CA LEU F 163 -33.43 3.21 -2.23
C LEU F 163 -34.59 2.76 -1.32
N GLY F 164 -34.37 2.69 0.00
CA GLY F 164 -35.37 2.19 0.93
C GLY F 164 -34.72 1.46 2.11
N PRO G 35 -14.70 -6.02 -6.56
CA PRO G 35 -13.46 -6.76 -6.79
C PRO G 35 -12.51 -6.78 -5.61
N VAL G 36 -13.03 -6.89 -4.39
CA VAL G 36 -12.15 -7.15 -3.26
C VAL G 36 -12.86 -7.99 -2.20
N GLY G 37 -12.61 -9.30 -2.23
CA GLY G 37 -13.39 -10.20 -1.41
C GLY G 37 -12.73 -11.53 -1.17
N ASN G 38 -13.53 -12.46 -0.64
CA ASN G 38 -13.07 -13.80 -0.28
C ASN G 38 -11.68 -13.72 0.35
N LEU G 39 -11.46 -12.74 1.23
CA LEU G 39 -10.20 -12.66 1.97
C LEU G 39 -10.24 -13.54 3.19
N LEU G 40 -9.07 -13.90 3.68
CA LEU G 40 -9.06 -14.74 4.85
C LEU G 40 -8.84 -13.89 6.09
N HIS G 41 -9.41 -14.38 7.18
CA HIS G 41 -9.60 -13.59 8.39
C HIS G 41 -8.40 -13.64 9.33
N THR G 42 -7.64 -14.71 9.35
CA THR G 42 -6.43 -14.83 10.15
C THR G 42 -5.21 -14.62 9.23
N ALA G 43 -3.95 -14.92 9.75
CA ALA G 43 -2.79 -14.87 8.88
C ALA G 43 -2.51 -16.23 8.31
N PRO G 44 -2.02 -16.24 7.09
CA PRO G 44 -1.83 -17.51 6.39
C PRO G 44 -0.58 -18.16 6.98
N CYS G 45 -0.80 -18.95 8.02
CA CYS G 45 0.18 -19.86 8.57
C CYS G 45 -0.18 -21.25 8.09
N SER G 46 0.80 -22.00 7.66
CA SER G 46 0.55 -23.34 7.15
C SER G 46 1.21 -24.30 8.12
N PHE G 47 0.45 -25.28 8.61
CA PHE G 47 1.19 -26.35 9.23
C PHE G 47 0.46 -27.68 9.14
N VAL G 48 1.18 -28.69 9.65
CA VAL G 48 0.98 -30.10 9.40
C VAL G 48 1.39 -30.80 10.69
N VAL G 49 0.62 -31.84 11.08
CA VAL G 49 0.95 -32.67 12.23
C VAL G 49 1.12 -34.13 11.79
N THR G 50 2.02 -34.84 12.46
CA THR G 50 2.28 -36.23 12.14
C THR G 50 2.29 -37.10 13.40
N ASP G 51 2.06 -38.40 13.17
CA ASP G 51 2.20 -39.44 14.20
C ASP G 51 3.66 -39.84 14.30
N ALA G 52 4.32 -39.41 15.39
CA ALA G 52 5.73 -39.77 15.58
C ALA G 52 5.90 -41.26 15.79
N VAL G 53 4.89 -41.89 16.40
CA VAL G 53 4.99 -43.27 16.87
C VAL G 53 4.81 -44.25 15.73
N GLU G 54 3.67 -44.19 15.05
CA GLU G 54 3.46 -44.98 13.85
C GLU G 54 4.67 -44.86 12.94
N PRO G 55 4.89 -45.83 12.06
CA PRO G 55 6.09 -45.81 11.22
C PRO G 55 5.99 -44.75 10.14
N ASP G 56 7.09 -44.04 9.93
CA ASP G 56 7.25 -43.12 8.80
C ASP G 56 6.46 -41.84 8.94
N GLN G 57 6.19 -41.36 10.15
CA GLN G 57 5.67 -40.01 10.40
C GLN G 57 4.53 -39.66 9.43
N PRO G 58 3.41 -40.36 9.48
CA PRO G 58 2.31 -40.01 8.58
C PRO G 58 1.54 -38.78 9.03
N ILE G 59 1.07 -38.04 8.03
CA ILE G 59 0.25 -36.87 8.27
C ILE G 59 -1.10 -37.28 8.86
N ILE G 60 -1.47 -36.64 9.98
CA ILE G 60 -2.78 -36.80 10.59
C ILE G 60 -3.62 -35.52 10.55
N TYR G 61 -2.99 -34.35 10.35
CA TYR G 61 -3.69 -33.06 10.27
C TYR G 61 -2.93 -32.10 9.35
N VAL G 62 -3.70 -31.43 8.49
CA VAL G 62 -3.24 -30.24 7.79
C VAL G 62 -4.32 -29.16 7.93
N ASN G 63 -3.87 -27.91 8.10
CA ASN G 63 -4.82 -26.81 8.21
C ASN G 63 -5.22 -26.31 6.83
N THR G 64 -6.20 -25.44 6.80
CA THR G 64 -6.75 -25.11 5.50
C THR G 64 -5.76 -24.26 4.72
N VAL G 65 -4.81 -23.60 5.38
CA VAL G 65 -3.82 -22.82 4.63
C VAL G 65 -2.98 -23.76 3.76
N PHE G 66 -2.34 -24.74 4.39
CA PHE G 66 -1.62 -25.77 3.66
C PHE G 66 -2.46 -26.26 2.48
N GLU G 67 -3.67 -26.74 2.74
CA GLU G 67 -4.52 -27.21 1.66
C GLU G 67 -4.60 -26.18 0.54
N MET G 68 -4.64 -24.92 0.90
CA MET G 68 -4.95 -23.91 -0.10
C MET G 68 -3.68 -23.43 -0.76
N VAL G 69 -2.55 -23.45 -0.06
CA VAL G 69 -1.29 -23.05 -0.68
C VAL G 69 -0.78 -24.14 -1.59
N THR G 70 -0.68 -25.37 -1.07
CA THR G 70 -0.09 -26.49 -1.79
C THR G 70 -1.03 -27.06 -2.84
N GLY G 71 -2.32 -26.81 -2.72
CA GLY G 71 -3.27 -27.34 -3.66
C GLY G 71 -3.77 -28.72 -3.33
N TYR G 72 -3.16 -29.37 -2.33
CA TYR G 72 -3.53 -30.73 -1.97
C TYR G 72 -4.59 -30.66 -0.90
N ARG G 73 -5.74 -31.28 -1.16
CA ARG G 73 -6.76 -31.37 -0.14
C ARG G 73 -6.33 -32.34 0.95
N ALA G 74 -7.07 -32.33 2.04
CA ALA G 74 -6.63 -33.10 3.19
C ALA G 74 -6.78 -34.60 2.95
N GLU G 75 -7.90 -35.06 2.34
CA GLU G 75 -8.03 -36.49 2.02
C GLU G 75 -6.84 -36.99 1.21
N GLU G 76 -6.37 -36.18 0.24
CA GLU G 76 -5.28 -36.59 -0.63
C GLU G 76 -3.99 -36.88 0.13
N VAL G 77 -3.78 -36.24 1.27
CA VAL G 77 -2.49 -36.32 1.94
C VAL G 77 -2.58 -37.00 3.29
N LEU G 78 -3.77 -37.29 3.79
CA LEU G 78 -3.86 -37.90 5.10
C LEU G 78 -3.25 -39.30 5.06
N GLY G 79 -2.51 -39.63 6.10
CA GLY G 79 -1.81 -40.88 6.13
C GLY G 79 -0.49 -40.91 5.41
N ARG G 80 -0.27 -40.03 4.41
CA ARG G 80 0.98 -40.03 3.66
C ARG G 80 2.13 -39.37 4.44
N ASN G 81 3.32 -39.40 3.86
CA ASN G 81 4.45 -38.71 4.43
C ASN G 81 4.70 -37.44 3.62
N CYS G 82 5.13 -36.41 4.31
CA CYS G 82 5.21 -35.10 3.67
C CYS G 82 6.15 -35.09 2.49
N ARG G 83 7.10 -36.02 2.40
CA ARG G 83 8.09 -35.92 1.32
C ARG G 83 7.44 -35.84 -0.05
N PHE G 84 6.17 -36.24 -0.19
CA PHE G 84 5.50 -36.10 -1.47
C PHE G 84 5.60 -34.69 -2.03
N LEU G 85 5.82 -33.71 -1.16
CA LEU G 85 5.87 -32.30 -1.53
C LEU G 85 7.16 -31.98 -2.27
N GLN G 86 8.18 -32.84 -2.12
CA GLN G 86 9.42 -32.70 -2.87
C GLN G 86 9.30 -33.23 -4.31
N CYS G 87 8.17 -33.80 -4.67
CA CYS G 87 7.93 -34.40 -5.98
C CYS G 87 7.06 -33.47 -6.80
N ARG G 88 7.62 -32.94 -7.88
CA ARG G 88 6.84 -32.05 -8.72
C ARG G 88 5.61 -32.75 -9.30
N GLY G 89 4.51 -32.75 -8.55
CA GLY G 89 3.25 -33.25 -9.05
C GLY G 89 2.68 -34.39 -8.23
N PRO G 90 1.39 -34.67 -8.43
CA PRO G 90 0.83 -35.94 -7.91
C PRO G 90 1.33 -37.15 -8.68
N PHE G 91 1.56 -36.98 -9.99
CA PHE G 91 2.03 -38.03 -10.87
C PHE G 91 3.53 -37.89 -11.04
N ALA G 92 4.26 -38.37 -10.05
CA ALA G 92 5.70 -38.25 -10.11
C ALA G 92 6.13 -39.08 -8.93
N LYS G 93 7.18 -39.85 -9.11
CA LYS G 93 7.52 -40.79 -8.06
C LYS G 93 8.86 -40.51 -7.42
N ARG G 94 9.72 -39.77 -8.09
CA ARG G 94 11.02 -39.45 -7.54
C ARG G 94 11.09 -37.96 -7.24
N ARG G 95 11.50 -37.65 -6.01
CA ARG G 95 11.82 -36.28 -5.68
C ARG G 95 12.55 -35.64 -6.85
N HIS G 96 12.22 -34.40 -7.12
CA HIS G 96 12.88 -33.67 -8.18
C HIS G 96 14.37 -33.55 -7.92
N PRO G 97 15.19 -33.63 -8.97
CA PRO G 97 16.64 -33.51 -8.78
C PRO G 97 17.07 -32.27 -8.04
N LEU G 98 16.29 -31.21 -8.17
CA LEU G 98 16.73 -29.89 -7.74
C LEU G 98 16.53 -29.64 -6.25
N VAL G 99 15.75 -30.46 -5.54
CA VAL G 99 15.71 -30.29 -4.09
C VAL G 99 17.07 -30.72 -3.55
N ASP G 100 17.71 -29.84 -2.79
CA ASP G 100 18.96 -30.14 -2.11
C ASP G 100 18.83 -31.38 -1.23
N SER G 101 19.33 -32.50 -1.72
CA SER G 101 19.31 -33.72 -0.92
C SER G 101 20.11 -33.58 0.36
N MET G 102 21.04 -32.61 0.42
CA MET G 102 21.81 -32.43 1.65
C MET G 102 20.91 -31.90 2.75
N VAL G 103 19.90 -31.09 2.38
CA VAL G 103 18.94 -30.55 3.33
C VAL G 103 17.97 -31.61 3.75
N VAL G 104 17.46 -32.40 2.81
CA VAL G 104 16.59 -33.50 3.19
C VAL G 104 17.33 -34.43 4.16
N SER G 105 18.63 -34.61 3.98
CA SER G 105 19.39 -35.42 4.92
C SER G 105 19.35 -34.81 6.31
N GLU G 106 19.49 -33.49 6.36
CA GLU G 106 19.44 -32.77 7.63
C GLU G 106 18.11 -32.91 8.32
N ILE G 107 17.02 -33.03 7.56
CA ILE G 107 15.73 -33.29 8.17
C ILE G 107 15.71 -34.67 8.82
N ARG G 108 15.98 -35.74 8.03
CA ARG G 108 16.02 -37.11 8.59
C ARG G 108 16.80 -37.13 9.91
N LYS G 109 17.99 -36.51 9.91
CA LYS G 109 18.79 -36.45 11.13
C LYS G 109 17.97 -35.93 12.30
N CYS G 110 17.37 -34.74 12.14
CA CYS G 110 16.68 -34.11 13.27
C CYS G 110 15.49 -34.93 13.73
N ILE G 111 14.74 -35.51 12.77
CA ILE G 111 13.61 -36.33 13.16
C ILE G 111 14.10 -37.54 13.94
N ASP G 112 15.12 -38.23 13.38
CA ASP G 112 15.70 -39.41 14.04
C ASP G 112 16.22 -39.06 15.42
N GLU G 113 16.92 -37.93 15.57
CA GLU G 113 17.41 -37.54 16.89
C GLU G 113 16.33 -36.94 17.79
N GLY G 114 15.07 -36.92 17.35
CA GLY G 114 13.97 -36.23 18.03
C GLY G 114 14.32 -34.81 18.48
N ILE G 115 14.76 -33.96 17.53
CA ILE G 115 15.07 -32.55 17.79
C ILE G 115 14.40 -31.67 16.74
N GLU G 116 14.51 -30.36 16.97
CA GLU G 116 13.90 -29.38 16.08
C GLU G 116 14.68 -29.30 14.79
N PHE G 117 13.96 -29.08 13.69
CA PHE G 117 14.58 -28.76 12.42
C PHE G 117 14.23 -27.34 12.00
N GLN G 118 15.14 -26.74 11.25
CA GLN G 118 14.90 -25.44 10.65
C GLN G 118 15.72 -25.32 9.39
N GLY G 119 15.06 -25.10 8.25
CA GLY G 119 15.78 -24.79 7.03
C GLY G 119 14.84 -24.68 5.85
N GLU G 120 15.41 -24.52 4.67
CA GLU G 120 14.63 -24.21 3.47
C GLU G 120 14.87 -25.29 2.41
N LEU G 121 13.79 -25.73 1.76
CA LEU G 121 13.96 -26.69 0.68
C LEU G 121 12.85 -26.53 -0.36
N LEU G 122 13.07 -27.13 -1.52
CA LEU G 122 12.19 -26.91 -2.65
C LEU G 122 11.02 -27.87 -2.55
N ASN G 123 9.82 -27.37 -2.80
CA ASN G 123 8.61 -28.18 -2.70
C ASN G 123 7.73 -27.80 -3.88
N PHE G 124 6.65 -28.53 -4.08
CA PHE G 124 5.91 -28.29 -5.30
C PHE G 124 4.42 -28.30 -5.02
N ARG G 125 3.75 -27.33 -5.57
CA ARG G 125 2.31 -27.37 -5.58
C ARG G 125 1.88 -28.57 -6.38
N LYS G 126 0.65 -29.02 -6.12
CA LYS G 126 0.05 -30.05 -6.96
C LYS G 126 -0.01 -29.63 -8.42
N ASP G 127 -0.14 -28.36 -8.70
CA ASP G 127 -0.14 -27.94 -10.11
C ASP G 127 1.26 -27.77 -10.67
N GLY G 128 2.28 -28.26 -9.96
CA GLY G 128 3.63 -28.27 -10.46
C GLY G 128 4.48 -27.07 -10.05
N SER G 129 3.89 -25.98 -9.61
CA SER G 129 4.65 -24.76 -9.39
C SER G 129 5.69 -24.93 -8.30
N PRO G 130 6.87 -24.40 -8.49
CA PRO G 130 7.86 -24.48 -7.43
C PRO G 130 7.55 -23.51 -6.29
N LEU G 131 7.82 -23.97 -5.08
CA LEU G 131 7.77 -23.14 -3.88
C LEU G 131 8.98 -23.46 -3.05
N MET G 132 9.66 -22.43 -2.60
CA MET G 132 10.69 -22.58 -1.59
C MET G 132 10.05 -22.63 -0.21
N ASN G 133 10.24 -23.73 0.50
CA ASN G 133 9.50 -24.00 1.73
C ASN G 133 10.43 -23.72 2.90
N ARG G 134 10.11 -22.70 3.66
CA ARG G 134 10.90 -22.34 4.82
C ARG G 134 10.21 -23.04 5.98
N LEU G 135 10.77 -24.17 6.38
CA LEU G 135 10.07 -25.16 7.19
C LEU G 135 10.66 -25.21 8.58
N ARG G 136 9.80 -25.38 9.59
CA ARG G 136 10.23 -25.59 10.96
C ARG G 136 9.51 -26.82 11.45
N LEU G 137 10.27 -27.79 11.96
CA LEU G 137 9.74 -29.00 12.57
C LEU G 137 10.02 -28.94 14.05
N THR G 138 8.96 -28.91 14.88
CA THR G 138 9.25 -29.12 16.28
C THR G 138 8.47 -30.35 16.77
N PRO G 139 9.10 -31.20 17.60
CA PRO G 139 8.42 -32.37 18.15
C PRO G 139 7.68 -32.08 19.45
N ILE G 140 6.64 -32.89 19.67
CA ILE G 140 5.70 -32.72 20.76
C ILE G 140 5.69 -33.98 21.60
N TYR G 141 5.89 -33.81 22.91
CA TYR G 141 5.92 -34.93 23.84
C TYR G 141 4.53 -35.29 24.39
N GLY G 142 4.31 -36.59 24.55
CA GLY G 142 3.16 -37.11 25.26
C GLY G 142 3.48 -37.34 26.72
N ASP G 143 2.61 -38.09 27.39
CA ASP G 143 2.71 -38.18 28.84
C ASP G 143 3.98 -38.89 29.28
N ASP G 144 4.06 -40.20 29.00
CA ASP G 144 5.35 -40.88 29.02
C ASP G 144 6.37 -40.03 28.27
N ASP G 145 7.56 -39.87 28.84
CA ASP G 145 8.52 -38.96 28.23
C ASP G 145 8.96 -39.46 26.85
N THR G 146 8.07 -39.37 25.87
CA THR G 146 8.35 -39.84 24.51
C THR G 146 7.66 -38.93 23.49
N ILE G 147 8.31 -38.77 22.32
CA ILE G 147 7.80 -37.93 21.25
C ILE G 147 6.66 -38.65 20.53
N THR G 148 5.47 -38.04 20.56
CA THR G 148 4.27 -38.67 20.01
C THR G 148 3.75 -38.02 18.74
N HIS G 149 4.00 -36.72 18.56
CA HIS G 149 3.59 -35.97 17.39
C HIS G 149 4.72 -35.05 16.95
N ILE G 150 4.68 -34.61 15.69
CA ILE G 150 5.55 -33.53 15.25
C ILE G 150 4.71 -32.50 14.51
N ILE G 151 4.92 -31.23 14.85
CA ILE G 151 4.31 -30.07 14.19
C ILE G 151 5.29 -29.54 13.15
N GLY G 152 4.80 -29.33 11.95
CA GLY G 152 5.64 -28.70 10.95
C GLY G 152 4.99 -27.46 10.39
N ILE G 153 5.66 -26.32 10.53
CA ILE G 153 5.17 -25.01 10.09
C ILE G 153 5.89 -24.69 8.80
N GLN G 154 5.14 -24.63 7.71
CA GLN G 154 5.67 -24.23 6.41
C GLN G 154 5.42 -22.76 6.11
N PHE G 155 6.45 -22.11 5.58
CA PHE G 155 6.33 -20.77 4.99
C PHE G 155 6.75 -20.86 3.54
N PHE G 156 5.79 -20.96 2.63
CA PHE G 156 6.04 -21.22 1.20
C PHE G 156 6.28 -19.93 0.44
N ILE G 157 7.46 -19.80 -0.13
CA ILE G 157 7.80 -18.61 -0.89
C ILE G 157 7.86 -18.93 -2.38
N GLU G 158 7.45 -17.97 -3.21
CA GLU G 158 7.50 -18.18 -4.66
C GLU G 158 8.95 -18.10 -5.10
N THR G 159 9.30 -18.89 -6.11
CA THR G 159 10.70 -18.96 -6.55
C THR G 159 10.77 -19.03 -8.07
N ASP G 160 11.71 -18.28 -8.64
CA ASP G 160 11.86 -18.17 -10.09
C ASP G 160 12.78 -19.23 -10.66
N ILE G 161 13.36 -20.08 -9.79
CA ILE G 161 14.15 -21.23 -10.17
C ILE G 161 13.71 -21.80 -11.51
N ASP G 162 14.69 -22.23 -12.31
CA ASP G 162 14.46 -22.85 -13.62
C ASP G 162 14.43 -24.37 -13.42
N LEU G 163 13.35 -25.00 -13.85
CA LEU G 163 13.23 -26.43 -13.69
C LEU G 163 13.45 -27.21 -14.98
N GLY G 164 13.49 -26.53 -16.14
CA GLY G 164 13.75 -27.15 -17.43
C GLY G 164 12.98 -28.43 -17.75
N1 FMN H . -20.02 31.63 -23.48
C2 FMN H . -20.13 30.54 -22.68
O2 FMN H . -21.01 30.60 -21.85
N3 FMN H . -19.29 29.45 -22.82
C4 FMN H . -18.31 29.46 -23.80
O4 FMN H . -17.59 28.49 -23.89
C4A FMN H . -18.20 30.57 -24.65
N5 FMN H . -17.24 30.65 -25.65
C5A FMN H . -17.17 31.82 -26.42
C6 FMN H . -16.22 31.93 -27.43
C7 FMN H . -16.15 33.06 -28.22
C7M FMN H . -15.12 33.20 -29.31
C8 FMN H . -17.01 34.09 -27.99
C8M FMN H . -16.94 35.33 -28.84
C9 FMN H . -17.95 34.01 -27.00
C9A FMN H . -18.03 32.88 -26.21
N10 FMN H . -19.00 32.81 -25.23
C10 FMN H . -19.06 31.67 -24.46
C1' FMN H . -19.94 33.94 -24.94
C2' FMN H . -21.22 34.08 -25.77
O2' FMN H . -21.02 33.69 -27.10
C3' FMN H . -21.70 35.55 -25.69
O3' FMN H . -20.75 36.43 -26.29
C4' FMN H . -21.98 35.98 -24.24
O4' FMN H . -22.91 35.02 -23.73
C5' FMN H . -22.52 37.42 -24.04
O5' FMN H . -23.53 37.77 -24.98
P FMN H . -25.08 37.51 -24.65
O1P FMN H . -25.77 38.14 -25.83
O2P FMN H . -25.46 36.08 -24.46
O3P FMN H . -25.40 38.08 -23.30
HN3 FMN H . -19.38 28.64 -22.17
H6 FMN H . -15.52 31.10 -27.60
HM71 FMN H . -15.46 33.93 -30.04
HM72 FMN H . -14.17 33.52 -28.88
HM73 FMN H . -14.99 32.23 -29.81
HM81 FMN H . -17.70 36.04 -28.52
HM82 FMN H . -17.10 35.06 -29.88
HM83 FMN H . -15.95 35.77 -28.74
H9 FMN H . -18.64 34.84 -26.82
H1'1 FMN H . -19.38 34.87 -25.06
H1'2 FMN H . -20.25 33.86 -23.90
H2' FMN H . -21.99 33.42 -25.37
HO2' FMN H . -21.10 34.47 -27.69
H3' FMN H . -22.62 35.61 -26.25
HO3' FMN H . -20.49 37.12 -25.65
H4' FMN H . -21.04 36.00 -23.69
HO4' FMN H . -23.70 35.49 -23.38
H5'1 FMN H . -22.94 37.51 -23.04
H5'2 FMN H . -21.69 38.12 -24.13
C1 EDO I . -29.92 28.16 -31.61
O1 EDO I . -29.48 28.35 -30.24
C2 EDO I . -29.58 29.30 -32.59
O2 EDO I . -28.19 29.66 -32.51
H11 EDO I . -29.45 27.24 -31.99
H12 EDO I . -31.00 28.01 -31.62
HO1 EDO I . -29.88 27.67 -29.68
H21 EDO I . -29.82 29.00 -33.61
H22 EDO I . -30.20 30.17 -32.35
HO2 EDO I . -28.02 30.44 -33.05
N1 FMN J . 29.87 -12.81 18.07
C2 FMN J . 29.01 -12.91 16.99
O2 FMN J . 29.35 -13.39 15.89
N3 FMN J . 27.71 -12.45 17.12
C4 FMN J . 27.26 -11.93 18.29
O4 FMN J . 26.11 -11.56 18.35
C4A FMN J . 28.11 -11.82 19.37
N5 FMN J . 27.63 -11.28 20.53
C5A FMN J . 28.47 -11.18 21.63
C6 FMN J . 27.99 -10.63 22.79
C7 FMN J . 28.78 -10.50 23.91
C7M FMN J . 28.18 -9.89 25.14
C8 FMN J . 30.09 -10.91 23.86
C8M FMN J . 30.99 -10.77 25.08
C9 FMN J . 30.58 -11.46 22.68
C9A FMN J . 29.80 -11.59 21.55
N10 FMN J . 30.28 -12.17 20.36
C10 FMN J . 29.43 -12.27 19.27
C1' FMN J . 31.71 -12.60 20.20
C2' FMN J . 32.17 -13.97 20.70
O2' FMN J . 31.57 -14.35 21.90
C3' FMN J . 33.70 -13.87 20.89
O3' FMN J . 34.00 -12.91 21.92
C4' FMN J . 34.44 -13.47 19.59
O4' FMN J . 34.12 -14.38 18.54
C5' FMN J . 35.97 -13.30 19.75
O5' FMN J . 36.63 -14.39 20.37
P FMN J . 37.17 -15.67 19.54
O1P FMN J . 37.71 -16.53 20.65
O2P FMN J . 36.08 -16.43 18.79
O3P FMN J . 38.30 -15.33 18.58
HN3 FMN J . 27.06 -12.53 16.31
H6 FMN J . 26.95 -10.31 22.84
HM71 FMN J . 28.89 -9.91 25.96
HM72 FMN J . 27.89 -8.86 24.94
HM73 FMN J . 27.29 -10.45 25.44
HM81 FMN J . 31.97 -11.17 24.85
HM82 FMN J . 30.55 -11.32 25.91
HM83 FMN J . 31.07 -9.71 25.35
H9 FMN J . 31.62 -11.80 22.64
H1'1 FMN J . 31.93 -12.56 19.13
H1'2 FMN J . 32.32 -11.85 20.68
H2' FMN J . 31.88 -14.73 19.98
HO2' FMN J . 32.25 -14.45 22.60
H3' FMN J . 34.06 -14.86 21.18
HO3' FMN J . 34.53 -12.18 21.54
H4' FMN J . 34.07 -12.47 19.33
HO4' FMN J . 34.95 -14.74 18.17
H5'1 FMN J . 36.41 -13.14 18.77
H5'2 FMN J . 36.16 -12.41 20.35
C1 EDO K . 38.50 -16.09 28.75
O1 EDO K . 38.80 -17.28 28.00
C2 EDO K . 38.72 -16.33 30.25
O2 EDO K . 38.27 -15.16 30.98
H11 EDO K . 39.15 -15.28 28.42
H12 EDO K . 37.46 -15.80 28.57
HO1 EDO K . 38.67 -17.11 27.06
H21 EDO K . 38.16 -17.21 30.57
H22 EDO K . 39.77 -16.51 30.45
HO2 EDO K . 38.81 -15.06 31.77
N1 FMN L . -7.61 -18.54 25.73
C2 FMN L . -7.26 -17.23 25.53
O2 FMN L . -7.92 -16.31 26.02
N3 FMN L . -6.16 -16.95 24.75
C4 FMN L . -5.44 -17.96 24.19
O4 FMN L . -4.48 -17.68 23.48
C4A FMN L . -5.78 -19.29 24.40
N5 FMN L . -5.04 -20.31 23.83
C5A FMN L . -5.40 -21.62 24.04
C6 FMN L . -4.64 -22.65 23.47
C7 FMN L . -5.01 -23.97 23.69
C7M FMN L . -4.26 -25.11 23.12
C8 FMN L . -6.13 -24.24 24.47
C8M FMN L . -6.57 -25.62 24.72
C9 FMN L . -6.87 -23.22 25.02
C9A FMN L . -6.52 -21.90 24.81
N10 FMN L . -7.27 -20.89 25.41
C10 FMN L . -6.89 -19.58 25.17
C1' FMN L . -8.51 -21.16 26.24
C2' FMN L . -8.36 -21.14 27.76
O2' FMN L . -7.11 -21.68 28.12
C3' FMN L . -9.45 -21.95 28.47
O3' FMN L . -9.34 -23.30 28.06
C4' FMN L . -10.86 -21.42 28.23
O4' FMN L . -10.96 -20.12 28.77
C5' FMN L . -11.94 -22.32 28.84
O5' FMN L . -11.75 -22.58 30.23
P FMN L . -12.47 -21.71 31.39
O1P FMN L . -12.42 -22.63 32.59
O2P FMN L . -11.71 -20.41 31.58
O3P FMN L . -13.89 -21.32 31.07
HN3 FMN L . -5.89 -15.95 24.58
H6 FMN L . -3.77 -22.41 22.86
HM71 FMN L . -4.36 -25.98 23.77
HM72 FMN L . -4.66 -25.36 22.13
HM73 FMN L . -3.21 -24.85 23.03
HM81 FMN L . -7.48 -25.61 25.31
HM82 FMN L . -6.75 -26.13 23.78
HM83 FMN L . -5.78 -26.15 25.27
H9 FMN L . -7.75 -23.45 25.63
H1'1 FMN L . -9.27 -20.41 25.96
H1'2 FMN L . -8.90 -22.14 25.95
H2' FMN L . -8.44 -20.09 28.08
HO2' FMN L . -7.25 -22.54 28.57
H3' FMN L . -9.27 -21.87 29.54
HO3' FMN L . -10.12 -23.54 27.51
H4' FMN L . -11.03 -21.40 27.15
HO4' FMN L . -11.75 -20.06 29.35
H5'1 FMN L . -12.91 -21.85 28.70
H5'2 FMN L . -11.94 -23.27 28.31
N1 FMN M . 7.20 25.54 -36.79
C2 FMN M . 7.87 25.13 -35.63
O2 FMN M . 8.95 24.55 -35.66
N3 FMN M . 7.30 25.34 -34.40
C4 FMN M . 6.11 25.98 -34.30
O4 FMN M . 5.62 26.18 -33.20
C4A FMN M . 5.46 26.42 -35.41
N5 FMN M . 4.27 27.06 -35.23
C5A FMN M . 3.60 27.49 -36.33
C6 FMN M . 2.40 28.13 -36.15
C7 FMN M . 1.68 28.58 -37.23
C7M FMN M . 0.39 29.27 -37.01
C8 FMN M . 2.17 28.42 -38.51
C8M FMN M . 1.44 28.88 -39.72
C9 FMN M . 3.36 27.77 -38.69
C9A FMN M . 4.10 27.29 -37.61
N10 FMN M . 5.33 26.65 -37.79
C10 FMN M . 5.99 26.19 -36.67
C1' FMN M . 5.87 26.38 -39.15
C2' FMN M . 7.16 27.03 -39.66
O2' FMN M . 6.83 28.37 -39.95
C3' FMN M . 7.66 26.17 -40.85
O3' FMN M . 9.07 25.95 -40.90
C4' FMN M . 7.11 26.78 -42.16
O4' FMN M . 5.76 27.14 -41.93
C5' FMN M . 7.33 25.82 -43.35
O5' FMN M . 8.70 25.48 -43.36
P FMN M . 9.76 26.46 -44.13
O1P FMN M . 10.24 27.62 -43.28
O2P FMN M . 11.01 25.64 -44.43
O3P FMN M . 9.03 26.95 -45.37
HN3 FMN M . 7.79 25.02 -33.54
H6 FMN M . 2.01 28.29 -35.15
HM71 FMN M . 0.50 30.34 -37.17
HM72 FMN M . 0.07 29.09 -35.98
HM73 FMN M . -0.36 28.87 -37.70
HM81 FMN M . 0.84 28.07 -40.10
HM82 FMN M . 0.80 29.72 -39.45
HM83 FMN M . 2.16 29.19 -40.48
H9 FMN M . 3.74 27.62 -39.70
H1'1 FMN M . 6.02 25.30 -39.22
H1'2 FMN M . 5.09 26.64 -39.86
H2' FMN M . 7.98 27.08 -38.94
HO2' FMN M . 7.44 28.72 -40.62
H3' FMN M . 7.26 25.16 -40.71
HO3' FMN M . 9.48 26.62 -41.49
H4' FMN M . 7.64 27.68 -42.46
HO4' FMN M . 5.17 26.39 -42.18
H5'1 FMN M . 6.73 24.92 -43.22
H5'2 FMN M . 7.04 26.30 -44.28
C1 EDO N . 14.69 36.26 -37.96
O1 EDO N . 14.09 35.09 -37.40
C2 EDO N . 13.84 36.77 -39.13
O2 EDO N . 12.43 36.84 -38.82
H11 EDO N . 14.77 37.04 -37.20
H12 EDO N . 15.70 36.03 -38.31
HO1 EDO N . 14.77 34.54 -37.00
H21 EDO N . 14.19 37.77 -39.42
H22 EDO N . 13.97 36.10 -39.99
HO2 EDO N . 11.94 37.21 -39.58
N1 FMN O . 11.35 4.85 35.36
C2 FMN O . 10.90 5.65 34.34
O2 FMN O . 9.97 6.43 34.53
N3 FMN O . 11.48 5.56 33.09
C4 FMN O . 12.51 4.69 32.88
O4 FMN O . 12.99 4.64 31.78
C4A FMN O . 12.98 3.89 33.87
N5 FMN O . 14.02 3.04 33.62
C5A FMN O . 14.47 2.22 34.66
C6 FMN O . 15.51 1.34 34.45
C7 FMN O . 15.97 0.54 35.47
C7M FMN O . 17.08 -0.42 35.25
C8 FMN O . 15.37 0.62 36.71
C8M FMN O . 15.85 -0.26 37.83
C9 FMN O . 14.32 1.49 36.94
C9A FMN O . 13.86 2.29 35.92
N10 FMN O . 12.83 3.18 36.18
C10 FMN O . 12.39 3.97 35.14
C1' FMN O . 12.14 3.26 37.49
C2' FMN O . 12.68 4.04 38.66
O2' FMN O . 14.06 3.91 38.76
C3' FMN O . 12.00 3.48 39.93
O3' FMN O . 12.33 2.10 40.14
C4' FMN O . 10.47 3.59 39.93
O4' FMN O . 10.04 4.93 39.77
C5' FMN O . 9.81 3.03 41.21
O5' FMN O . 10.43 3.39 42.42
P FMN O . 10.00 4.75 43.17
O1P FMN O . 10.58 4.48 44.55
O2P FMN O . 10.68 5.93 42.51
O3P FMN O . 8.51 5.14 43.13
HN3 FMN O . 11.13 6.16 32.32
H6 FMN O . 15.98 1.28 33.46
HM71 FMN O . 17.25 -1.02 36.15
HM72 FMN O . 18.00 0.12 35.01
HM73 FMN O . 16.83 -1.09 34.42
HM81 FMN O . 15.27 -0.03 38.73
HM82 FMN O . 15.71 -1.30 37.56
HM83 FMN O . 16.91 -0.07 38.01
H9 FMN O . 13.86 1.54 37.92
H1'1 FMN O . 11.14 3.67 37.29
H1'2 FMN O . 12.00 2.24 37.84
H2' FMN O . 12.47 5.10 38.53
HO2' FMN O . 14.28 3.47 39.60
H3' FMN O . 12.41 4.10 40.73
HO3' FMN O . 11.50 1.57 40.17
H4' FMN O . 10.15 2.99 39.07
HO4' FMN O . 9.52 5.20 40.55
H5'1 FMN O . 8.77 3.36 41.23
H5'2 FMN O . 9.80 1.93 41.14
C1 EDO P . 19.15 13.54 42.15
O1 EDO P . 18.75 12.14 42.18
C2 EDO P . 17.93 14.47 42.02
O2 EDO P . 16.98 13.97 41.06
H11 EDO P . 19.69 13.78 43.06
H12 EDO P . 19.82 13.71 41.31
HO1 EDO P . 19.47 11.60 42.53
H21 EDO P . 17.44 14.56 43.00
H22 EDO P . 18.27 15.46 41.73
HO2 EDO P . 16.18 14.52 41.08
N1 FMN Q . -32.84 2.59 -20.87
C2 FMN Q . -32.13 2.35 -19.70
O2 FMN Q . -32.65 2.59 -18.61
N3 FMN Q . -30.83 1.86 -19.77
C4 FMN Q . -30.28 1.64 -21.00
O4 FMN Q . -29.14 1.24 -21.07
C4A FMN Q . -30.99 1.88 -22.17
N5 FMN Q . -30.42 1.63 -23.38
C5A FMN Q . -31.11 1.85 -24.57
C6 FMN Q . -30.50 1.59 -25.78
C7 FMN Q . -31.14 1.80 -26.99
C7M FMN Q . -30.46 1.54 -28.31
C8 FMN Q . -32.43 2.26 -26.94
C8M FMN Q . -33.13 2.51 -28.26
C9 FMN Q . -33.04 2.54 -25.73
C9A FMN Q . -32.38 2.34 -24.52
N10 FMN Q . -32.99 2.57 -23.28
C10 FMN Q . -32.28 2.36 -22.11
C1' FMN Q . -34.36 3.14 -23.15
C2' FMN Q . -35.60 2.32 -23.41
O2' FMN Q . -35.40 1.38 -24.43
C3' FMN Q . -36.72 3.31 -23.82
O3' FMN Q . -36.53 3.91 -25.09
C4' FMN Q . -36.91 4.44 -22.80
O4' FMN Q . -37.01 3.90 -21.48
C5' FMN Q . -38.15 5.23 -23.27
O5' FMN Q . -39.03 4.99 -22.21
P FMN Q . -40.56 4.57 -22.34
O1P FMN Q . -40.73 4.37 -23.83
O2P FMN Q . -40.41 3.23 -21.67
O3P FMN Q . -41.49 5.57 -21.58
HN3 FMN Q . -30.30 1.66 -18.90
H6 FMN Q . -29.48 1.19 -25.79
HM71 FMN Q . -30.97 0.72 -28.82
HM72 FMN Q . -29.42 1.26 -28.14
HM73 FMN Q . -30.50 2.43 -28.93
HM81 FMN Q . -32.90 3.51 -28.61
HM82 FMN Q . -34.21 2.42 -28.11
HM83 FMN Q . -32.79 1.78 -28.99
H9 FMN Q . -34.06 2.94 -25.72
H1'1 FMN Q . -34.42 4.01 -23.82
H1'2 FMN Q . -34.45 3.51 -22.13
H2' FMN Q . -35.88 1.74 -22.52
HO2' FMN Q . -35.77 1.71 -25.26
H3' FMN Q . -37.59 2.67 -23.86
HO3' FMN Q . -36.34 4.87 -24.97
H4' FMN Q . -36.07 5.14 -22.75
HO4' FMN Q . -37.94 3.88 -21.19
H5'1 FMN Q . -38.54 4.85 -24.21
H5'2 FMN Q . -37.94 6.29 -23.41
C1 EDO R . -41.17 -7.41 -21.51
O1 EDO R . -40.18 -7.06 -22.51
C2 EDO R . -40.65 -7.54 -20.08
O2 EDO R . -39.47 -6.76 -19.81
H11 EDO R . -41.95 -6.65 -21.53
H12 EDO R . -41.63 -8.36 -21.81
HO1 EDO R . -40.61 -6.88 -23.35
H21 EDO R . -41.44 -7.23 -19.38
H22 EDO R . -40.42 -8.60 -19.88
HO2 EDO R . -39.39 -6.64 -18.86
N1 FMN S . 9.22 -32.11 3.71
C2 FMN S . 8.87 -31.23 2.70
O2 FMN S . 9.50 -31.22 1.64
N3 FMN S . 7.82 -30.34 2.86
C4 FMN S . 7.11 -30.32 4.05
O4 FMN S . 6.18 -29.56 4.24
C4A FMN S . 7.45 -31.19 5.05
N5 FMN S . 6.71 -31.15 6.18
C5A FMN S . 7.01 -32.01 7.19
C6 FMN S . 6.23 -31.94 8.33
C7 FMN S . 6.49 -32.77 9.40
C7M FMN S . 5.66 -32.69 10.63
C8 FMN S . 7.51 -33.68 9.30
C8M FMN S . 7.79 -34.56 10.47
C9 FMN S . 8.30 -33.74 8.16
C9A FMN S . 8.06 -32.92 7.08
N10 FMN S . 8.82 -32.99 5.91
C10 FMN S . 8.51 -32.10 4.90
C1' FMN S . 9.99 -33.92 5.73
C2' FMN S . 9.69 -35.32 5.20
O2' FMN S . 8.56 -35.85 5.84
C3' FMN S . 10.87 -36.28 5.45
O3' FMN S . 11.00 -36.49 6.85
C4' FMN S . 12.21 -35.83 4.86
O4' FMN S . 12.04 -35.75 3.46
C5' FMN S . 13.42 -36.75 5.18
O5' FMN S . 13.07 -38.13 5.27
P FMN S . 13.29 -39.11 4.01
O1P FMN S . 13.55 -40.48 4.57
O2P FMN S . 11.99 -39.24 3.21
O3P FMN S . 14.47 -38.57 3.18
HN3 FMN S . 7.58 -29.68 2.09
H6 FMN S . 5.40 -31.23 8.38
HM71 FMN S . 5.16 -33.66 10.80
HM72 FMN S . 6.29 -32.46 11.49
HM73 FMN S . 4.90 -31.92 10.52
HM81 FMN S . 8.50 -34.07 11.13
HM82 FMN S . 8.21 -35.51 10.12
HM83 FMN S . 6.87 -34.75 11.01
H9 FMN S . 9.12 -34.45 8.12
H1'1 FMN S . 10.69 -33.45 5.05
H1'2 FMN S . 10.48 -34.02 6.70
H2' FMN S . 9.53 -35.23 4.13
HO2' FMN S . 8.84 -36.52 6.51
H3' FMN S . 10.63 -37.21 4.94
HO3' FMN S . 11.80 -36.03 7.18
H4' FMN S . 12.47 -34.87 5.31
HO4' FMN S . 12.38 -36.58 3.04
H5'1 FMN S . 14.17 -36.62 4.40
H5'2 FMN S . 13.86 -36.43 6.13
#